data_8DT1
#
_entry.id   8DT1
#
_cell.length_a   59.910
_cell.length_b   65.600
_cell.length_c   68.320
_cell.angle_alpha   97.149
_cell.angle_beta   98.382
_cell.angle_gamma   107.470
#
_symmetry.space_group_name_H-M   'P 1'
#
loop_
_entity.id
_entity.type
_entity.pdbx_description
1 polymer '3-hydroxybutyrate dehydrogenase'
2 non-polymer NICOTINAMIDE-ADENINE-DINUCLEOTIDE
3 non-polymer 'CITRIC ACID'
4 non-polymer 'PHOSPHATE ION'
5 non-polymer 'TETRAETHYLENE GLYCOL'
6 water water
#
_entity_poly.entity_id   1
_entity_poly.type   'polypeptide(L)'
_entity_poly.pdbx_seq_one_letter_code
;MAHHHHHHMSNLNGKTAVVTGAASGIGKEIALELAKAGAAVAIADLNQDGANAVADEINKAGGKAIGVAMDVTNEEAVNT
GIDKVAEAFGSVDILVSNAGIQIVNPIENYSFADWKKMQAIHVDGAFLTTKAALKHMYKDDRGGVVIYMGSVHSHEASPL
KSAYVTAKHGLLGLARVLAKEGAKHNVRSHVVCPGFVRTPLVDKQIPEQAKELGISEEEVIKKVMLGNTVDGVFTTVQDV
AQTVLFLSAFPSAALTGQSFIVSHGWFMQ
;
_entity_poly.pdbx_strand_id   A,B,C,D
#
# COMPACT_ATOMS: atom_id res chain seq x y z
N ASN A 11 24.43 19.28 0.68
CA ASN A 11 25.70 19.54 -0.01
C ASN A 11 26.37 18.26 -0.50
N LEU A 12 26.76 18.28 -1.78
CA LEU A 12 27.31 17.10 -2.44
C LEU A 12 28.71 17.36 -3.00
N ASN A 13 29.43 18.31 -2.43
CA ASN A 13 30.78 18.60 -2.88
C ASN A 13 31.69 17.39 -2.64
N GLY A 14 32.39 16.98 -3.69
CA GLY A 14 33.25 15.82 -3.62
C GLY A 14 32.58 14.53 -4.00
N LYS A 15 31.26 14.51 -4.16
CA LYS A 15 30.58 13.31 -4.60
C LYS A 15 30.49 13.29 -6.11
N THR A 16 30.32 12.09 -6.65
CA THR A 16 30.21 11.87 -8.08
CA THR A 16 30.21 11.87 -8.08
C THR A 16 28.86 11.23 -8.38
N ALA A 17 28.22 11.64 -9.47
CA ALA A 17 26.91 11.14 -9.81
C ALA A 17 26.86 10.76 -11.28
N VAL A 18 26.10 9.72 -11.60
CA VAL A 18 25.75 9.37 -12.96
CA VAL A 18 25.75 9.40 -12.97
C VAL A 18 24.24 9.42 -13.08
N VAL A 19 23.72 10.15 -14.07
CA VAL A 19 22.28 10.23 -14.32
C VAL A 19 22.03 9.71 -15.73
N THR A 20 21.30 8.61 -15.86
CA THR A 20 20.95 8.13 -17.20
C THR A 20 19.71 8.86 -17.73
N GLY A 21 19.61 8.94 -19.06
CA GLY A 21 18.56 9.74 -19.68
C GLY A 21 18.67 11.23 -19.42
N ALA A 22 19.83 11.73 -19.02
CA ALA A 22 19.92 13.13 -18.63
C ALA A 22 20.17 14.09 -19.78
N ALA A 23 20.06 13.65 -21.04
CA ALA A 23 20.12 14.63 -22.12
C ALA A 23 18.86 15.50 -22.20
N SER A 24 17.79 15.16 -21.47
CA SER A 24 16.51 15.79 -21.67
C SER A 24 15.68 15.73 -20.39
N GLY A 25 14.70 16.63 -20.28
CA GLY A 25 13.60 16.46 -19.34
C GLY A 25 14.03 16.35 -17.89
N ILE A 26 13.43 15.37 -17.21
CA ILE A 26 13.66 15.18 -15.77
C ILE A 26 15.13 14.87 -15.48
N GLY A 27 15.72 13.96 -16.25
CA GLY A 27 17.11 13.60 -16.00
C GLY A 27 18.04 14.79 -16.16
N LYS A 28 17.79 15.64 -17.15
CA LYS A 28 18.63 16.82 -17.37
C LYS A 28 18.57 17.75 -16.16
N GLU A 29 17.37 18.02 -15.66
CA GLU A 29 17.25 18.91 -14.50
C GLU A 29 17.93 18.30 -13.27
N ILE A 30 17.79 17.00 -13.07
CA ILE A 30 18.48 16.34 -11.97
C ILE A 30 19.99 16.54 -12.07
N ALA A 31 20.53 16.37 -13.28
CA ALA A 31 21.97 16.54 -13.46
C ALA A 31 22.40 17.98 -13.19
N LEU A 32 21.63 18.95 -13.69
CA LEU A 32 21.98 20.36 -13.45
C LEU A 32 21.97 20.70 -11.97
N GLU A 33 21.01 20.15 -11.22
CA GLU A 33 20.89 20.53 -9.81
C GLU A 33 21.89 19.77 -8.94
N LEU A 34 22.20 18.52 -9.28
CA LEU A 34 23.30 17.83 -8.59
C LEU A 34 24.61 18.57 -8.81
N ALA A 35 24.88 19.02 -10.04
CA ALA A 35 26.09 19.80 -10.29
C ALA A 35 26.08 21.10 -9.51
N LYS A 36 24.93 21.78 -9.49
CA LYS A 36 24.84 23.03 -8.74
C LYS A 36 25.15 22.79 -7.28
N ALA A 37 24.79 21.62 -6.76
CA ALA A 37 25.07 21.26 -5.37
C ALA A 37 26.50 20.80 -5.14
N GLY A 38 27.33 20.77 -6.19
CA GLY A 38 28.75 20.49 -6.05
C GLY A 38 29.19 19.11 -6.48
N ALA A 39 28.27 18.25 -6.93
CA ALA A 39 28.65 16.93 -7.41
C ALA A 39 29.26 17.04 -8.81
N ALA A 40 30.24 16.18 -9.08
CA ALA A 40 30.62 15.91 -10.46
C ALA A 40 29.63 14.95 -11.08
N VAL A 41 29.19 15.24 -12.32
CA VAL A 41 28.03 14.55 -12.89
C VAL A 41 28.38 14.01 -14.26
N ALA A 42 28.09 12.74 -14.47
CA ALA A 42 28.18 12.14 -15.79
C ALA A 42 26.76 12.06 -16.36
N ILE A 43 26.60 12.65 -17.54
CA ILE A 43 25.31 12.58 -18.23
CA ILE A 43 25.33 12.62 -18.28
C ILE A 43 25.38 11.41 -19.20
N ALA A 44 24.66 10.34 -18.87
CA ALA A 44 24.64 9.15 -19.70
C ALA A 44 23.34 9.12 -20.51
N ASP A 45 23.47 8.98 -21.83
CA ASP A 45 22.29 9.00 -22.65
C ASP A 45 22.58 8.26 -23.96
N LEU A 46 21.51 7.74 -24.56
CA LEU A 46 21.61 7.19 -25.91
C LEU A 46 21.93 8.29 -26.90
N ASN A 47 21.44 9.48 -26.63
CA ASN A 47 21.64 10.67 -27.44
C ASN A 47 22.96 11.29 -26.98
N GLN A 48 24.06 10.92 -27.66
CA GLN A 48 25.37 11.38 -27.19
C GLN A 48 25.51 12.89 -27.38
N ASP A 49 24.97 13.43 -28.47
CA ASP A 49 25.03 14.87 -28.69
C ASP A 49 24.35 15.63 -27.54
N GLY A 50 23.16 15.18 -27.16
CA GLY A 50 22.45 15.85 -26.10
C GLY A 50 23.15 15.70 -24.76
N ALA A 51 23.76 14.53 -24.54
CA ALA A 51 24.52 14.33 -23.30
C ALA A 51 25.67 15.32 -23.21
N ASN A 52 26.42 15.49 -24.32
CA ASN A 52 27.52 16.46 -24.31
C ASN A 52 27.03 17.87 -24.12
N ALA A 53 25.85 18.19 -24.66
CA ALA A 53 25.32 19.54 -24.51
C ALA A 53 25.05 19.86 -23.04
N VAL A 54 24.50 18.91 -22.29
CA VAL A 54 24.26 19.13 -20.87
C VAL A 54 25.58 19.23 -20.11
N ALA A 55 26.53 18.34 -20.43
CA ALA A 55 27.83 18.41 -19.77
C ALA A 55 28.52 19.73 -20.06
N ASP A 56 28.44 20.19 -21.32
CA ASP A 56 29.11 21.44 -21.67
C ASP A 56 28.41 22.64 -21.03
N GLU A 57 27.10 22.53 -20.74
CA GLU A 57 26.42 23.57 -19.97
C GLU A 57 26.90 23.60 -18.53
N ILE A 58 27.05 22.43 -17.90
CA ILE A 58 27.53 22.34 -16.53
C ILE A 58 28.97 22.82 -16.42
N ASN A 59 29.83 22.40 -17.35
CA ASN A 59 31.23 22.81 -17.29
C ASN A 59 31.40 24.30 -17.52
N LYS A 60 30.55 24.89 -18.36
CA LYS A 60 30.68 26.32 -18.61
C LYS A 60 30.20 27.15 -17.43
N ALA A 61 29.35 26.59 -16.58
CA ALA A 61 28.91 27.26 -15.36
C ALA A 61 29.86 27.06 -14.18
N GLY A 62 30.98 26.37 -14.39
CA GLY A 62 31.96 26.15 -13.34
C GLY A 62 31.89 24.80 -12.66
N GLY A 63 31.01 23.90 -13.10
CA GLY A 63 30.91 22.57 -12.53
C GLY A 63 31.87 21.60 -13.19
N LYS A 64 31.65 20.31 -12.91
CA LYS A 64 32.45 19.24 -13.52
C LYS A 64 31.50 18.19 -14.05
N ALA A 65 31.55 17.95 -15.36
CA ALA A 65 30.61 17.03 -15.98
C ALA A 65 31.26 16.37 -17.18
N ILE A 66 30.80 15.16 -17.50
CA ILE A 66 31.19 14.53 -18.76
C ILE A 66 29.93 13.95 -19.41
N GLY A 67 29.95 13.87 -20.73
CA GLY A 67 28.89 13.20 -21.46
C GLY A 67 29.33 11.77 -21.74
N VAL A 68 28.41 10.83 -21.50
CA VAL A 68 28.71 9.41 -21.69
C VAL A 68 27.66 8.82 -22.63
N ALA A 69 28.10 8.31 -23.78
CA ALA A 69 27.20 7.61 -24.69
C ALA A 69 26.87 6.24 -24.09
N MET A 70 25.59 5.97 -23.85
CA MET A 70 25.23 4.75 -23.15
C MET A 70 23.82 4.32 -23.55
N ASP A 71 23.72 3.16 -24.20
CA ASP A 71 22.45 2.44 -24.33
C ASP A 71 22.26 1.61 -23.06
N VAL A 72 21.32 2.01 -22.20
CA VAL A 72 21.18 1.31 -20.92
C VAL A 72 20.66 -0.11 -21.06
N THR A 73 20.25 -0.51 -22.25
CA THR A 73 19.84 -1.89 -22.44
C THR A 73 21.00 -2.82 -22.79
N ASN A 74 22.20 -2.26 -22.98
CA ASN A 74 23.37 -2.99 -23.46
C ASN A 74 24.36 -3.12 -22.32
N GLU A 75 24.53 -4.36 -21.81
CA GLU A 75 25.36 -4.57 -20.63
C GLU A 75 26.77 -4.01 -20.80
N GLU A 76 27.43 -4.35 -21.92
CA GLU A 76 28.81 -3.92 -22.11
C GLU A 76 28.92 -2.40 -22.21
N ALA A 77 27.96 -1.76 -22.88
CA ALA A 77 28.00 -0.30 -22.94
C ALA A 77 27.77 0.31 -21.57
N VAL A 78 26.86 -0.26 -20.78
CA VAL A 78 26.65 0.23 -19.41
C VAL A 78 27.92 0.08 -18.60
N ASN A 79 28.54 -1.11 -18.65
CA ASN A 79 29.78 -1.34 -17.89
C ASN A 79 30.86 -0.36 -18.30
N THR A 80 31.05 -0.18 -19.60
CA THR A 80 32.10 0.69 -20.10
C THR A 80 31.86 2.14 -19.67
N GLY A 81 30.61 2.59 -19.76
CA GLY A 81 30.29 3.94 -19.35
C GLY A 81 30.45 4.19 -17.86
N ILE A 82 29.98 3.25 -17.03
CA ILE A 82 30.13 3.42 -15.59
C ILE A 82 31.61 3.39 -15.20
N ASP A 83 32.37 2.46 -15.77
CA ASP A 83 33.79 2.44 -15.45
C ASP A 83 34.47 3.71 -15.91
N LYS A 84 34.00 4.28 -17.02
CA LYS A 84 34.56 5.54 -17.49
C LYS A 84 34.33 6.66 -16.47
N VAL A 85 33.14 6.69 -15.87
CA VAL A 85 32.85 7.67 -14.82
C VAL A 85 33.81 7.49 -13.66
N ALA A 86 34.00 6.25 -13.20
CA ALA A 86 34.85 6.00 -12.05
C ALA A 86 36.29 6.40 -12.33
N GLU A 87 36.76 6.16 -13.56
CA GLU A 87 38.12 6.55 -13.91
CA GLU A 87 38.12 6.55 -13.93
C GLU A 87 38.26 8.06 -14.00
N ALA A 88 37.27 8.74 -14.61
CA ALA A 88 37.35 10.19 -14.75
C ALA A 88 37.25 10.91 -13.41
N PHE A 89 36.40 10.42 -12.52
CA PHE A 89 36.03 11.15 -11.32
C PHE A 89 36.50 10.50 -10.02
N GLY A 90 36.93 9.23 -10.05
CA GLY A 90 37.44 8.55 -8.89
C GLY A 90 36.46 7.65 -8.18
N SER A 91 35.17 7.77 -8.48
CA SER A 91 34.15 7.02 -7.76
C SER A 91 32.83 7.18 -8.48
N VAL A 92 31.84 6.37 -8.09
CA VAL A 92 30.46 6.52 -8.56
C VAL A 92 29.62 6.53 -7.28
N ASP A 93 29.34 7.72 -6.75
CA ASP A 93 28.67 7.79 -5.45
C ASP A 93 27.16 7.82 -5.53
N ILE A 94 26.59 8.37 -6.62
CA ILE A 94 25.16 8.48 -6.80
C ILE A 94 24.82 7.95 -8.18
N LEU A 95 23.88 7.02 -8.26
CA LEU A 95 23.35 6.57 -9.54
C LEU A 95 21.88 6.93 -9.59
N VAL A 96 21.47 7.65 -10.63
CA VAL A 96 20.05 7.91 -10.89
C VAL A 96 19.71 7.20 -12.20
N SER A 97 18.92 6.12 -12.09
CA SER A 97 18.50 5.32 -13.25
C SER A 97 17.19 5.93 -13.74
N ASN A 98 17.27 6.68 -14.84
CA ASN A 98 16.15 7.55 -15.23
C ASN A 98 15.74 7.41 -16.70
N ALA A 99 16.60 6.94 -17.59
CA ALA A 99 16.22 6.79 -19.00
C ALA A 99 14.90 6.03 -19.15
N GLY A 100 14.05 6.50 -20.06
CA GLY A 100 12.77 5.84 -20.26
C GLY A 100 12.16 6.29 -21.57
N ILE A 101 11.10 5.58 -21.96
CA ILE A 101 10.30 5.91 -23.14
C ILE A 101 8.89 5.42 -22.84
N GLN A 102 7.94 5.86 -23.64
CA GLN A 102 6.55 5.44 -23.50
C GLN A 102 6.04 4.92 -24.84
N ILE A 103 5.39 3.76 -24.80
CA ILE A 103 4.75 3.15 -25.96
C ILE A 103 3.38 2.65 -25.52
N VAL A 104 2.32 3.17 -26.11
CA VAL A 104 0.97 2.86 -25.68
C VAL A 104 0.28 1.96 -26.68
N ASN A 105 -0.56 1.06 -26.16
CA ASN A 105 -1.43 0.20 -26.95
C ASN A 105 -2.25 -0.60 -25.95
N PRO A 106 -3.46 -1.04 -26.30
CA PRO A 106 -4.18 -1.99 -25.43
C PRO A 106 -3.45 -3.33 -25.44
N ILE A 107 -3.62 -4.09 -24.35
CA ILE A 107 -2.84 -5.32 -24.19
C ILE A 107 -3.03 -6.25 -25.39
N GLU A 108 -4.27 -6.37 -25.90
CA GLU A 108 -4.49 -7.37 -26.95
C GLU A 108 -3.80 -7.00 -28.27
N ASN A 109 -3.43 -5.74 -28.46
CA ASN A 109 -2.72 -5.33 -29.67
CA ASN A 109 -2.72 -5.31 -29.67
C ASN A 109 -1.32 -4.81 -29.34
N TYR A 110 -0.78 -5.16 -28.18
CA TYR A 110 0.50 -4.63 -27.73
C TYR A 110 1.61 -5.49 -28.32
N SER A 111 2.53 -4.86 -29.05
CA SER A 111 3.60 -5.58 -29.74
C SER A 111 4.56 -6.21 -28.71
N PHE A 112 4.91 -7.49 -28.93
CA PHE A 112 5.84 -8.14 -28.00
C PHE A 112 7.24 -7.52 -28.11
N ALA A 113 7.68 -7.15 -29.30
CA ALA A 113 8.94 -6.42 -29.45
C ALA A 113 8.90 -5.12 -28.65
N ASP A 114 7.79 -4.36 -28.75
CA ASP A 114 7.62 -3.15 -27.94
C ASP A 114 7.67 -3.47 -26.46
N TRP A 115 6.94 -4.51 -26.05
CA TRP A 115 6.93 -4.94 -24.65
C TRP A 115 8.35 -5.17 -24.13
N LYS A 116 9.14 -5.93 -24.88
CA LYS A 116 10.49 -6.26 -24.42
C LYS A 116 11.38 -5.04 -24.41
N LYS A 117 11.26 -4.17 -25.42
CA LYS A 117 12.02 -2.93 -25.42
C LYS A 117 11.71 -2.09 -24.20
N MET A 118 10.43 -1.97 -23.86
CA MET A 118 10.03 -1.24 -22.66
C MET A 118 10.66 -1.84 -21.41
N GLN A 119 10.54 -3.16 -21.23
CA GLN A 119 11.15 -3.78 -20.05
C GLN A 119 12.67 -3.62 -20.06
N ALA A 120 13.31 -3.70 -21.23
CA ALA A 120 14.76 -3.58 -21.30
C ALA A 120 15.23 -2.19 -20.89
N ILE A 121 14.56 -1.13 -21.37
CA ILE A 121 15.05 0.20 -21.05
C ILE A 121 14.80 0.53 -19.58
N HIS A 122 13.56 0.29 -19.11
CA HIS A 122 13.16 0.72 -17.78
C HIS A 122 13.73 -0.18 -16.69
N VAL A 123 13.58 -1.50 -16.87
CA VAL A 123 13.93 -2.47 -15.85
C VAL A 123 15.34 -2.99 -16.03
N ASP A 124 15.67 -3.51 -17.21
CA ASP A 124 17.05 -3.99 -17.40
C ASP A 124 18.05 -2.86 -17.25
N GLY A 125 17.72 -1.67 -17.76
CA GLY A 125 18.64 -0.55 -17.57
C GLY A 125 18.90 -0.25 -16.10
N ALA A 126 17.85 -0.33 -15.28
CA ALA A 126 18.08 -0.16 -13.84
C ALA A 126 18.94 -1.28 -13.28
N PHE A 127 18.64 -2.54 -13.66
CA PHE A 127 19.45 -3.65 -13.16
C PHE A 127 20.90 -3.48 -13.58
N LEU A 128 21.14 -3.20 -14.87
CA LEU A 128 22.50 -3.19 -15.40
C LEU A 128 23.33 -2.04 -14.83
N THR A 129 22.74 -0.83 -14.77
CA THR A 129 23.49 0.29 -14.21
C THR A 129 23.73 0.08 -12.72
N THR A 130 22.78 -0.54 -12.01
CA THR A 130 23.00 -0.83 -10.59
C THR A 130 24.13 -1.83 -10.42
N LYS A 131 24.12 -2.90 -11.20
CA LYS A 131 25.17 -3.91 -11.08
C LYS A 131 26.56 -3.30 -11.28
N ALA A 132 26.70 -2.44 -12.30
CA ALA A 132 27.99 -1.84 -12.60
C ALA A 132 28.42 -0.85 -11.52
N ALA A 133 27.45 -0.07 -10.99
CA ALA A 133 27.73 0.91 -9.95
C ALA A 133 28.09 0.25 -8.63
N LEU A 134 27.42 -0.85 -8.27
CA LEU A 134 27.70 -1.50 -7.00
C LEU A 134 29.13 -2.02 -6.94
N LYS A 135 29.69 -2.47 -8.07
CA LYS A 135 31.07 -2.92 -8.04
C LYS A 135 32.01 -1.83 -7.58
N HIS A 136 31.63 -0.57 -7.79
CA HIS A 136 32.39 0.57 -7.28
C HIS A 136 31.95 0.99 -5.88
N MET A 137 30.64 1.11 -5.64
CA MET A 137 30.17 1.56 -4.33
C MET A 137 30.53 0.58 -3.23
N TYR A 138 30.61 -0.72 -3.54
CA TYR A 138 30.90 -1.70 -2.51
C TYR A 138 32.37 -1.74 -2.13
N LYS A 139 33.25 -1.19 -2.96
CA LYS A 139 34.67 -1.29 -2.68
C LYS A 139 34.99 -0.53 -1.40
N ASP A 140 35.56 -1.23 -0.42
CA ASP A 140 35.85 -0.71 0.92
C ASP A 140 34.61 -0.14 1.60
N ASP A 141 33.42 -0.55 1.15
CA ASP A 141 32.16 -0.09 1.71
C ASP A 141 32.08 1.44 1.71
N ARG A 142 32.66 2.04 0.66
CA ARG A 142 32.51 3.48 0.45
C ARG A 142 31.03 3.86 0.46
N GLY A 143 30.18 3.09 -0.21
CA GLY A 143 28.76 3.34 -0.14
C GLY A 143 28.22 4.14 -1.32
N GLY A 144 26.94 4.43 -1.26
CA GLY A 144 26.34 5.07 -2.43
C GLY A 144 24.86 5.28 -2.21
N VAL A 145 24.30 6.08 -3.10
CA VAL A 145 22.86 6.26 -3.18
C VAL A 145 22.43 5.86 -4.58
N VAL A 146 21.46 4.94 -4.67
CA VAL A 146 20.92 4.48 -5.95
C VAL A 146 19.44 4.88 -5.98
N ILE A 147 19.07 5.68 -6.98
CA ILE A 147 17.70 6.19 -7.08
C ILE A 147 17.15 5.75 -8.43
N TYR A 148 15.99 5.10 -8.43
CA TYR A 148 15.34 4.74 -9.69
C TYR A 148 14.21 5.73 -9.95
N MET A 149 14.03 6.11 -11.21
CA MET A 149 12.93 6.98 -11.57
C MET A 149 11.73 6.10 -11.83
N GLY A 150 10.78 6.12 -10.90
CA GLY A 150 9.52 5.43 -11.08
C GLY A 150 8.51 6.36 -11.66
N SER A 151 7.27 6.26 -11.17
CA SER A 151 6.14 7.02 -11.68
C SER A 151 5.02 6.80 -10.68
N VAL A 152 3.98 7.65 -10.73
CA VAL A 152 2.75 7.23 -10.07
C VAL A 152 2.34 5.86 -10.60
N HIS A 153 2.71 5.57 -11.87
CA HIS A 153 2.43 4.26 -12.43
C HIS A 153 3.34 3.14 -11.89
N SER A 154 4.21 3.39 -10.90
CA SER A 154 4.79 2.31 -10.10
C SER A 154 3.77 1.77 -9.12
N HIS A 155 2.70 2.52 -8.87
CA HIS A 155 1.74 2.23 -7.82
C HIS A 155 0.32 2.11 -8.31
N GLU A 156 0.00 2.64 -9.49
CA GLU A 156 -1.37 2.68 -9.96
C GLU A 156 -1.35 2.48 -11.47
N ALA A 157 -2.43 1.95 -12.01
CA ALA A 157 -2.47 1.65 -13.43
C ALA A 157 -3.23 2.73 -14.20
N SER A 158 -2.97 2.77 -15.51
CA SER A 158 -3.82 3.44 -16.48
C SER A 158 -3.96 2.52 -17.68
N PRO A 159 -5.09 2.58 -18.36
CA PRO A 159 -5.25 1.73 -19.56
C PRO A 159 -4.28 2.16 -20.65
N LEU A 160 -3.93 1.20 -21.50
CA LEU A 160 -3.07 1.36 -22.67
C LEU A 160 -1.62 1.45 -22.29
N LYS A 161 -1.25 1.30 -21.01
CA LYS A 161 0.13 1.46 -20.60
C LYS A 161 0.63 0.23 -19.86
N SER A 162 0.19 -0.96 -20.29
CA SER A 162 0.59 -2.19 -19.61
C SER A 162 2.11 -2.32 -19.49
N ALA A 163 2.86 -2.03 -20.56
CA ALA A 163 4.30 -2.25 -20.50
C ALA A 163 4.96 -1.30 -19.52
N TYR A 164 4.61 -0.01 -19.62
CA TYR A 164 5.17 1.02 -18.75
C TYR A 164 4.80 0.78 -17.29
N VAL A 165 3.53 0.51 -17.02
CA VAL A 165 3.08 0.29 -15.65
C VAL A 165 3.76 -0.94 -15.07
N THR A 166 3.84 -2.02 -15.86
CA THR A 166 4.54 -3.22 -15.41
C THR A 166 5.99 -2.93 -15.05
N ALA A 167 6.69 -2.20 -15.92
CA ALA A 167 8.08 -1.85 -15.66
C ALA A 167 8.23 -0.98 -14.42
N LYS A 168 7.42 0.07 -14.30
CA LYS A 168 7.57 0.98 -13.16
C LYS A 168 7.19 0.31 -11.85
N HIS A 169 6.23 -0.63 -11.88
CA HIS A 169 5.98 -1.46 -10.70
C HIS A 169 7.17 -2.34 -10.35
N GLY A 170 7.80 -2.97 -11.35
CA GLY A 170 8.95 -3.80 -11.07
C GLY A 170 10.11 -3.05 -10.42
N LEU A 171 10.28 -1.76 -10.76
CA LEU A 171 11.40 -1.03 -10.18
C LEU A 171 11.29 -0.95 -8.67
N LEU A 172 10.07 -0.93 -8.12
CA LEU A 172 9.92 -0.92 -6.67
C LEU A 172 10.54 -2.17 -6.06
N GLY A 173 10.31 -3.32 -6.70
CA GLY A 173 10.87 -4.56 -6.19
C GLY A 173 12.39 -4.57 -6.20
N LEU A 174 12.99 -4.15 -7.31
CA LEU A 174 14.45 -4.08 -7.39
C LEU A 174 15.01 -3.17 -6.30
N ALA A 175 14.41 -1.98 -6.12
CA ALA A 175 14.91 -1.05 -5.12
C ALA A 175 14.79 -1.64 -3.72
N ARG A 176 13.70 -2.37 -3.46
CA ARG A 176 13.51 -2.92 -2.12
C ARG A 176 14.51 -4.04 -1.83
N VAL A 177 14.86 -4.84 -2.85
CA VAL A 177 15.92 -5.83 -2.66
C VAL A 177 17.24 -5.13 -2.43
N LEU A 178 17.56 -4.10 -3.23
CA LEU A 178 18.83 -3.40 -3.08
C LEU A 178 18.95 -2.80 -1.69
N ALA A 179 17.86 -2.25 -1.15
CA ALA A 179 17.93 -1.69 0.19
C ALA A 179 18.41 -2.73 1.21
N LYS A 180 17.94 -3.96 1.06
CA LYS A 180 18.34 -5.03 1.97
C LYS A 180 19.78 -5.46 1.72
N GLU A 181 20.14 -5.70 0.46
CA GLU A 181 21.50 -6.17 0.15
C GLU A 181 22.54 -5.08 0.39
N GLY A 182 22.18 -3.83 0.14
CA GLY A 182 23.21 -2.80 0.11
C GLY A 182 23.55 -2.24 1.48
N ALA A 183 22.73 -2.53 2.47
CA ALA A 183 22.88 -1.88 3.77
C ALA A 183 24.26 -2.14 4.36
N LYS A 184 24.74 -3.38 4.26
CA LYS A 184 26.03 -3.71 4.87
C LYS A 184 27.19 -3.05 4.17
N HIS A 185 26.98 -2.49 2.98
CA HIS A 185 27.99 -1.77 2.22
C HIS A 185 27.75 -0.28 2.17
N ASN A 186 26.87 0.24 3.04
CA ASN A 186 26.51 1.66 3.08
C ASN A 186 25.89 2.15 1.76
N VAL A 187 25.15 1.29 1.06
CA VAL A 187 24.44 1.68 -0.15
C VAL A 187 22.96 1.75 0.20
N ARG A 188 22.33 2.89 -0.11
CA ARG A 188 20.91 3.16 0.05
C ARG A 188 20.22 3.06 -1.29
N SER A 189 18.92 2.71 -1.28
CA SER A 189 18.11 2.73 -2.50
C SER A 189 16.84 3.52 -2.28
N HIS A 190 16.35 4.15 -3.35
CA HIS A 190 15.07 4.86 -3.29
C HIS A 190 14.42 4.83 -4.67
N VAL A 191 13.11 5.04 -4.70
CA VAL A 191 12.41 5.24 -5.98
C VAL A 191 11.68 6.56 -5.91
N VAL A 192 11.91 7.46 -6.89
CA VAL A 192 11.15 8.70 -6.98
C VAL A 192 10.06 8.52 -8.02
N CYS A 193 8.83 8.87 -7.66
CA CYS A 193 7.65 8.61 -8.49
C CYS A 193 6.98 9.93 -8.82
N PRO A 194 7.37 10.58 -9.91
CA PRO A 194 6.69 11.81 -10.31
C PRO A 194 5.29 11.54 -10.85
N GLY A 195 4.43 12.53 -10.67
CA GLY A 195 3.18 12.66 -11.39
C GLY A 195 3.46 13.22 -12.77
N PHE A 196 2.43 13.84 -13.32
CA PHE A 196 2.45 14.30 -14.70
C PHE A 196 3.29 15.57 -14.77
N VAL A 197 4.39 15.53 -15.53
CA VAL A 197 5.31 16.66 -15.65
C VAL A 197 5.01 17.39 -16.96
N ARG A 198 4.79 18.70 -16.89
CA ARG A 198 4.51 19.47 -18.09
C ARG A 198 5.78 19.54 -18.93
N THR A 199 5.67 19.13 -20.18
CA THR A 199 6.79 19.08 -21.11
C THR A 199 6.39 19.85 -22.35
N PRO A 200 7.36 20.15 -23.22
CA PRO A 200 6.99 20.78 -24.50
C PRO A 200 5.92 20.01 -25.27
N LEU A 201 5.94 18.66 -25.21
CA LEU A 201 4.89 17.88 -25.85
C LEU A 201 3.53 18.12 -25.19
N VAL A 202 3.49 18.14 -23.86
CA VAL A 202 2.25 18.47 -23.16
C VAL A 202 1.76 19.85 -23.59
N ASP A 203 2.66 20.82 -23.72
CA ASP A 203 2.27 22.15 -24.16
C ASP A 203 1.63 22.15 -25.54
N LYS A 204 1.93 21.15 -26.37
CA LYS A 204 1.27 21.02 -27.67
C LYS A 204 -0.03 20.25 -27.60
N GLN A 205 -0.14 19.29 -26.67
CA GLN A 205 -1.37 18.51 -26.56
C GLN A 205 -2.50 19.33 -25.95
N ILE A 206 -2.18 20.24 -25.02
CA ILE A 206 -3.22 21.04 -24.36
C ILE A 206 -4.11 21.77 -25.36
N PRO A 207 -3.56 22.47 -26.37
CA PRO A 207 -4.45 22.99 -27.44
C PRO A 207 -5.05 21.89 -28.29
N GLU A 208 -4.31 20.81 -28.56
CA GLU A 208 -4.79 19.76 -29.45
C GLU A 208 -6.00 19.03 -28.86
N GLN A 209 -5.91 18.60 -27.60
CA GLN A 209 -6.94 17.75 -27.02
C GLN A 209 -8.26 18.51 -26.87
N ALA A 210 -8.20 19.78 -26.52
CA ALA A 210 -9.41 20.59 -26.32
C ALA A 210 -10.20 20.75 -27.61
N GLU A 219 -9.02 23.38 -19.39
CA GLU A 219 -10.00 22.30 -19.38
C GLU A 219 -9.33 20.94 -19.42
N VAL A 220 -8.61 20.70 -20.52
CA VAL A 220 -7.83 19.47 -20.64
C VAL A 220 -6.84 19.36 -19.47
N ILE A 221 -6.32 20.50 -19.01
CA ILE A 221 -5.31 20.51 -17.95
C ILE A 221 -5.90 19.97 -16.66
N LYS A 222 -6.92 20.66 -16.14
CA LYS A 222 -7.43 20.34 -14.81
C LYS A 222 -8.24 19.05 -14.76
N LYS A 223 -8.79 18.61 -15.89
CA LYS A 223 -9.69 17.46 -15.93
C LYS A 223 -9.05 16.22 -16.56
N VAL A 224 -8.65 16.31 -17.83
CA VAL A 224 -8.10 15.15 -18.51
C VAL A 224 -6.73 14.80 -17.95
N MET A 225 -5.85 15.79 -17.85
CA MET A 225 -4.47 15.55 -17.50
C MET A 225 -4.28 15.45 -15.99
N LEU A 226 -4.83 16.41 -15.25
CA LEU A 226 -4.55 16.52 -13.82
C LEU A 226 -5.79 16.29 -12.96
N GLY A 227 -6.84 15.66 -13.51
CA GLY A 227 -8.04 15.41 -12.72
C GLY A 227 -7.82 14.51 -11.52
N ASN A 228 -6.73 13.74 -11.52
CA ASN A 228 -6.43 12.85 -10.41
C ASN A 228 -5.50 13.49 -9.37
N THR A 229 -5.08 14.74 -9.59
CA THR A 229 -4.40 15.51 -8.55
C THR A 229 -5.42 16.22 -7.65
N VAL A 230 -4.96 16.69 -6.49
CA VAL A 230 -5.85 17.40 -5.59
C VAL A 230 -5.97 18.86 -5.97
N ASP A 231 -5.04 19.37 -6.79
CA ASP A 231 -4.97 20.80 -7.03
C ASP A 231 -4.88 21.21 -8.49
N GLY A 232 -4.90 20.27 -9.43
CA GLY A 232 -4.77 20.64 -10.82
C GLY A 232 -3.43 21.29 -11.21
N VAL A 233 -2.34 20.92 -10.55
CA VAL A 233 -1.03 21.54 -10.75
C VAL A 233 -0.08 20.49 -11.33
N PHE A 234 0.66 20.82 -12.39
CA PHE A 234 1.64 19.89 -12.92
C PHE A 234 2.81 19.73 -11.96
N THR A 235 3.34 18.52 -11.89
CA THR A 235 4.64 18.33 -11.24
C THR A 235 5.73 18.96 -12.10
N THR A 236 6.74 19.55 -11.45
CA THR A 236 7.81 20.18 -12.21
C THR A 236 9.09 19.37 -12.14
N VAL A 237 9.96 19.60 -13.12
CA VAL A 237 11.28 18.95 -13.05
C VAL A 237 12.01 19.38 -11.79
N GLN A 238 11.76 20.62 -11.32
CA GLN A 238 12.33 21.09 -10.06
C GLN A 238 11.85 20.28 -8.87
N ASP A 239 10.52 20.03 -8.79
CA ASP A 239 9.98 19.14 -7.75
C ASP A 239 10.77 17.85 -7.67
N VAL A 240 10.99 17.23 -8.83
CA VAL A 240 11.65 15.94 -8.86
C VAL A 240 13.11 16.06 -8.43
N ALA A 241 13.82 17.03 -9.01
CA ALA A 241 15.25 17.18 -8.75
C ALA A 241 15.48 17.54 -7.28
N GLN A 242 14.63 18.40 -6.71
CA GLN A 242 14.78 18.74 -5.30
C GLN A 242 14.60 17.51 -4.42
N THR A 243 13.67 16.65 -4.78
CA THR A 243 13.53 15.39 -4.05
C THR A 243 14.76 14.52 -4.20
N VAL A 244 15.30 14.41 -5.43
CA VAL A 244 16.52 13.64 -5.64
C VAL A 244 17.67 14.18 -4.79
N LEU A 245 17.80 15.52 -4.73
CA LEU A 245 18.90 16.14 -3.97
CA LEU A 245 18.91 16.11 -3.96
C LEU A 245 18.75 15.84 -2.48
N PHE A 246 17.52 15.94 -1.97
CA PHE A 246 17.27 15.62 -0.57
C PHE A 246 17.68 14.19 -0.25
N LEU A 247 17.30 13.24 -1.10
CA LEU A 247 17.69 11.85 -0.87
C LEU A 247 19.19 11.69 -0.98
N SER A 248 19.81 12.35 -1.97
CA SER A 248 21.23 12.14 -2.23
C SER A 248 22.09 12.63 -1.08
N ALA A 249 21.64 13.65 -0.38
CA ALA A 249 22.41 14.26 0.68
C ALA A 249 21.99 13.79 2.06
N PHE A 250 21.04 12.88 2.17
CA PHE A 250 20.51 12.55 3.49
C PHE A 250 21.61 11.89 4.35
N PRO A 251 21.76 12.30 5.61
CA PRO A 251 22.96 11.90 6.37
C PRO A 251 22.99 10.45 6.80
N SER A 252 21.86 9.76 6.84
CA SER A 252 21.85 8.38 7.27
C SER A 252 21.10 7.55 6.24
N ALA A 253 21.04 6.24 6.47
CA ALA A 253 20.28 5.34 5.59
C ALA A 253 18.80 5.26 5.98
N ALA A 254 18.27 6.24 6.73
CA ALA A 254 16.93 6.08 7.29
C ALA A 254 15.84 5.95 6.22
N LEU A 255 16.01 6.54 5.04
CA LEU A 255 14.99 6.50 4.00
C LEU A 255 15.20 5.39 2.98
N THR A 256 16.10 4.43 3.23
CA THR A 256 16.42 3.43 2.22
C THR A 256 15.22 2.51 1.97
N GLY A 257 15.08 2.07 0.72
CA GLY A 257 13.99 1.17 0.37
C GLY A 257 12.67 1.84 0.08
N GLN A 258 12.57 3.16 0.23
CA GLN A 258 11.29 3.87 0.17
C GLN A 258 11.07 4.48 -1.20
N SER A 259 9.80 4.58 -1.60
CA SER A 259 9.42 5.35 -2.77
C SER A 259 8.76 6.65 -2.32
N PHE A 260 8.91 7.67 -3.15
CA PHE A 260 8.51 9.05 -2.84
C PHE A 260 7.65 9.53 -3.98
N ILE A 261 6.39 9.80 -3.68
CA ILE A 261 5.40 10.14 -4.70
CA ILE A 261 5.38 10.14 -4.68
C ILE A 261 5.35 11.66 -4.79
N VAL A 262 5.71 12.18 -5.96
CA VAL A 262 5.85 13.61 -6.16
C VAL A 262 4.82 14.00 -7.20
N SER A 263 3.54 14.00 -6.83
CA SER A 263 2.49 13.96 -7.84
C SER A 263 1.30 14.87 -7.52
N HIS A 264 1.41 15.74 -6.52
CA HIS A 264 0.29 16.62 -6.17
C HIS A 264 -0.94 15.80 -5.81
N GLY A 265 -0.71 14.68 -5.11
CA GLY A 265 -1.79 13.95 -4.49
C GLY A 265 -2.44 12.91 -5.37
N TRP A 266 -1.84 12.62 -6.53
CA TRP A 266 -2.28 11.51 -7.37
C TRP A 266 -1.61 10.24 -6.83
N PHE A 267 -2.43 9.37 -6.24
CA PHE A 267 -2.08 8.22 -5.41
C PHE A 267 -1.42 8.66 -4.12
N MET A 268 -2.03 8.33 -2.99
CA MET A 268 -1.46 8.68 -1.69
C MET A 268 -1.11 7.40 -0.93
N GLN A 269 0.14 7.30 -0.49
CA GLN A 269 0.53 6.22 0.43
C GLN A 269 1.17 6.87 1.64
N ASN B 11 14.90 26.84 4.28
CA ASN B 11 14.82 28.11 4.99
C ASN B 11 13.38 28.54 5.30
N LEU B 12 13.12 28.82 6.58
CA LEU B 12 11.77 29.05 7.04
C LEU B 12 11.60 30.43 7.68
N ASN B 13 12.47 31.36 7.33
CA ASN B 13 12.37 32.72 7.87
C ASN B 13 11.03 33.34 7.49
N GLY B 14 10.37 33.91 8.49
CA GLY B 14 9.06 34.48 8.29
C GLY B 14 7.93 33.52 8.51
N LYS B 15 8.22 32.23 8.70
CA LYS B 15 7.18 31.25 8.94
CA LYS B 15 7.18 31.25 8.94
C LYS B 15 7.01 31.01 10.43
N THR B 16 5.80 30.64 10.80
CA THR B 16 5.41 30.32 12.16
CA THR B 16 5.44 30.32 12.17
C THR B 16 5.07 28.84 12.25
N ALA B 17 5.47 28.20 13.35
CA ALA B 17 5.20 26.78 13.50
C ALA B 17 4.73 26.48 14.91
N VAL B 18 3.76 25.57 15.05
CA VAL B 18 3.39 25.01 16.34
CA VAL B 18 3.37 25.00 16.33
C VAL B 18 3.70 23.51 16.29
N VAL B 19 4.41 23.03 17.31
CA VAL B 19 4.75 21.61 17.42
C VAL B 19 4.15 21.10 18.71
N THR B 20 3.17 20.20 18.62
CA THR B 20 2.65 19.63 19.86
C THR B 20 3.57 18.52 20.32
N GLY B 21 3.59 18.30 21.65
CA GLY B 21 4.50 17.35 22.22
C GLY B 21 5.96 17.75 22.18
N ALA B 22 6.29 19.03 21.95
CA ALA B 22 7.68 19.39 21.71
C ALA B 22 8.46 19.71 23.00
N ALA B 23 7.90 19.42 24.18
CA ALA B 23 8.72 19.50 25.39
C ALA B 23 9.78 18.40 25.47
N SER B 24 9.72 17.39 24.61
CA SER B 24 10.51 16.17 24.76
C SER B 24 10.75 15.51 23.42
N GLY B 25 11.79 14.69 23.37
CA GLY B 25 11.95 13.67 22.34
C GLY B 25 11.98 14.22 20.92
N ILE B 26 11.22 13.57 20.05
CA ILE B 26 11.16 13.91 18.62
C ILE B 26 10.65 15.33 18.44
N GLY B 27 9.57 15.69 19.13
CA GLY B 27 9.03 17.04 18.98
C GLY B 27 10.01 18.11 19.38
N LYS B 28 10.74 17.87 20.47
CA LYS B 28 11.74 18.85 20.90
C LYS B 28 12.76 19.11 19.79
N GLU B 29 13.28 18.04 19.18
CA GLU B 29 14.28 18.23 18.11
C GLU B 29 13.67 18.98 16.93
N ILE B 30 12.44 18.66 16.58
CA ILE B 30 11.77 19.35 15.47
C ILE B 30 11.67 20.84 15.77
N ALA B 31 11.28 21.20 17.00
CA ALA B 31 11.17 22.61 17.36
C ALA B 31 12.50 23.31 17.27
N LEU B 32 13.56 22.68 17.79
CA LEU B 32 14.89 23.28 17.73
C LEU B 32 15.35 23.46 16.28
N GLU B 33 15.12 22.46 15.44
CA GLU B 33 15.59 22.55 14.05
C GLU B 33 14.75 23.53 13.25
N LEU B 34 13.43 23.55 13.47
CA LEU B 34 12.63 24.56 12.80
C LEU B 34 13.07 25.97 13.20
N ALA B 35 13.40 26.17 14.49
CA ALA B 35 13.84 27.50 14.91
C ALA B 35 15.19 27.86 14.32
N LYS B 36 16.09 26.88 14.22
CA LYS B 36 17.40 27.15 13.64
C LYS B 36 17.26 27.53 12.17
N ALA B 37 16.22 27.06 11.51
CA ALA B 37 15.93 27.39 10.12
C ALA B 37 15.23 28.74 9.97
N GLY B 38 14.93 29.42 11.08
CA GLY B 38 14.37 30.75 11.04
C GLY B 38 12.88 30.83 11.36
N ALA B 39 12.23 29.71 11.61
CA ALA B 39 10.81 29.77 11.98
C ALA B 39 10.67 30.25 13.40
N ALA B 40 9.61 31.01 13.66
CA ALA B 40 9.16 31.26 15.02
C ALA B 40 8.37 30.04 15.46
N VAL B 41 8.68 29.51 16.65
CA VAL B 41 8.20 28.20 17.02
C VAL B 41 7.43 28.27 18.33
N ALA B 42 6.23 27.71 18.33
CA ALA B 42 5.45 27.57 19.55
C ALA B 42 5.52 26.12 19.98
N ILE B 43 6.03 25.87 21.18
CA ILE B 43 6.10 24.54 21.73
C ILE B 43 4.85 24.32 22.58
N ALA B 44 3.98 23.41 22.12
CA ALA B 44 2.71 23.16 22.78
C ALA B 44 2.74 21.77 23.41
N ASP B 45 2.49 21.69 24.71
CA ASP B 45 2.69 20.43 25.39
C ASP B 45 1.84 20.40 26.65
N LEU B 46 1.39 19.20 27.01
CA LEU B 46 0.73 19.02 28.30
C LEU B 46 1.62 19.51 29.44
N ASN B 47 2.93 19.33 29.27
CA ASN B 47 3.97 19.71 30.23
C ASN B 47 4.38 21.13 29.88
N GLN B 48 3.68 22.10 30.48
CA GLN B 48 3.91 23.50 30.11
C GLN B 48 5.30 23.96 30.53
N ASP B 49 5.78 23.54 31.70
CA ASP B 49 7.12 23.91 32.12
C ASP B 49 8.16 23.41 31.12
N GLY B 50 7.98 22.19 30.62
CA GLY B 50 8.91 21.67 29.62
C GLY B 50 8.84 22.44 28.32
N ALA B 51 7.64 22.86 27.94
CA ALA B 51 7.49 23.65 26.73
C ALA B 51 8.21 24.99 26.87
N ASN B 52 8.01 25.66 28.01
CA ASN B 52 8.71 26.92 28.29
C ASN B 52 10.23 26.73 28.23
N ALA B 53 10.72 25.59 28.73
CA ALA B 53 12.15 25.36 28.78
C ALA B 53 12.75 25.24 27.38
N VAL B 54 12.04 24.56 26.48
CA VAL B 54 12.50 24.49 25.10
C VAL B 54 12.45 25.86 24.46
N ALA B 55 11.37 26.59 24.71
CA ALA B 55 11.26 27.95 24.18
C ALA B 55 12.42 28.82 24.69
N ASP B 56 12.73 28.71 25.98
CA ASP B 56 13.84 29.51 26.50
CA ASP B 56 13.85 29.49 26.53
C ASP B 56 15.16 29.13 25.85
N GLU B 57 15.36 27.84 25.56
CA GLU B 57 16.59 27.40 24.91
C GLU B 57 16.72 28.00 23.52
N ILE B 58 15.62 28.01 22.77
CA ILE B 58 15.59 28.65 21.45
C ILE B 58 15.87 30.15 21.56
N ASN B 59 15.19 30.82 22.50
CA ASN B 59 15.34 32.27 22.60
C ASN B 59 16.76 32.66 23.01
N LYS B 60 17.35 31.90 23.95
CA LYS B 60 18.72 32.16 24.36
C LYS B 60 19.70 32.02 23.22
N ALA B 61 19.40 31.18 22.25
CA ALA B 61 20.28 30.95 21.12
C ALA B 61 20.04 31.93 19.97
N GLY B 62 19.15 32.90 20.14
CA GLY B 62 18.88 33.89 19.11
C GLY B 62 17.64 33.63 18.27
N GLY B 63 16.86 32.61 18.59
CA GLY B 63 15.64 32.34 17.87
C GLY B 63 14.45 33.05 18.49
N LYS B 64 13.26 32.60 18.09
CA LYS B 64 12.01 33.19 18.56
C LYS B 64 11.04 32.06 18.87
N ALA B 65 10.64 31.94 20.13
CA ALA B 65 9.78 30.83 20.52
C ALA B 65 8.94 31.20 21.74
N ILE B 66 7.82 30.49 21.89
CA ILE B 66 7.00 30.59 23.09
C ILE B 66 6.61 29.18 23.50
N GLY B 67 6.31 29.02 24.78
CA GLY B 67 5.73 27.78 25.29
C GLY B 67 4.23 27.97 25.44
N VAL B 68 3.47 26.92 25.13
CA VAL B 68 2.01 26.98 25.18
C VAL B 68 1.51 25.77 25.96
N ALA B 69 0.70 26.02 27.00
CA ALA B 69 0.03 24.92 27.68
C ALA B 69 -1.01 24.33 26.73
N MET B 70 -0.92 23.03 26.46
CA MET B 70 -1.91 22.45 25.55
C MET B 70 -2.05 20.95 25.82
N ASP B 71 -3.13 20.58 26.50
CA ASP B 71 -3.63 19.21 26.48
C ASP B 71 -4.35 19.00 25.15
N VAL B 72 -3.79 18.20 24.23
CA VAL B 72 -4.37 18.13 22.89
C VAL B 72 -5.66 17.34 22.87
N THR B 73 -6.06 16.72 24.00
CA THR B 73 -7.36 16.06 24.09
C THR B 73 -8.50 17.02 24.41
N ASN B 74 -8.18 18.27 24.74
CA ASN B 74 -9.13 19.22 25.32
C ASN B 74 -9.36 20.33 24.30
N GLU B 75 -10.59 20.40 23.80
CA GLU B 75 -10.87 21.27 22.66
C GLU B 75 -10.61 22.74 23.02
N GLU B 76 -11.02 23.16 24.21
CA GLU B 76 -10.80 24.55 24.61
C GLU B 76 -9.31 24.87 24.69
N ALA B 77 -8.53 23.99 25.33
CA ALA B 77 -7.10 24.23 25.46
C ALA B 77 -6.43 24.30 24.09
N VAL B 78 -6.84 23.44 23.16
CA VAL B 78 -6.30 23.47 21.80
C VAL B 78 -6.66 24.79 21.12
N ASN B 79 -7.93 25.19 21.20
CA ASN B 79 -8.35 26.40 20.50
C ASN B 79 -7.67 27.63 21.09
N THR B 80 -7.69 27.75 22.42
CA THR B 80 -6.99 28.85 23.10
C THR B 80 -5.50 28.89 22.73
N GLY B 81 -4.86 27.72 22.71
CA GLY B 81 -3.42 27.69 22.46
C GLY B 81 -3.05 28.09 21.05
N ILE B 82 -3.79 27.58 20.06
CA ILE B 82 -3.52 27.96 18.68
C ILE B 82 -3.81 29.44 18.47
N ASP B 83 -4.91 29.93 19.03
CA ASP B 83 -5.20 31.35 18.90
C ASP B 83 -4.11 32.19 19.57
N LYS B 84 -3.54 31.69 20.66
CA LYS B 84 -2.43 32.38 21.31
C LYS B 84 -1.24 32.50 20.36
N VAL B 85 -0.89 31.41 19.69
CA VAL B 85 0.22 31.42 18.72
C VAL B 85 -0.05 32.46 17.63
N ALA B 86 -1.27 32.45 17.08
CA ALA B 86 -1.56 33.35 15.98
C ALA B 86 -1.50 34.81 16.42
N GLU B 87 -1.90 35.09 17.66
CA GLU B 87 -1.82 36.48 18.14
C GLU B 87 -0.38 36.86 18.49
N ALA B 88 0.42 35.91 18.98
CA ALA B 88 1.82 36.22 19.31
C ALA B 88 2.67 36.36 18.06
N PHE B 89 2.46 35.51 17.06
CA PHE B 89 3.32 35.44 15.89
C PHE B 89 2.68 35.96 14.60
N GLY B 90 1.35 36.14 14.58
CA GLY B 90 0.69 36.69 13.42
C GLY B 90 0.11 35.65 12.48
N SER B 91 0.54 34.40 12.59
CA SER B 91 0.04 33.33 11.73
C SER B 91 0.32 31.99 12.40
N VAL B 92 -0.25 30.93 11.83
CA VAL B 92 0.10 29.55 12.16
C VAL B 92 0.38 28.85 10.82
N ASP B 93 1.64 28.91 10.35
CA ASP B 93 1.97 28.43 9.01
C ASP B 93 2.26 26.95 8.95
N ILE B 94 2.80 26.37 10.02
CA ILE B 94 3.18 24.97 10.08
C ILE B 94 2.60 24.39 11.37
N LEU B 95 1.84 23.31 11.25
CA LEU B 95 1.41 22.54 12.42
C LEU B 95 2.07 21.18 12.37
N VAL B 96 2.79 20.83 13.42
CA VAL B 96 3.32 19.48 13.57
C VAL B 96 2.57 18.85 14.73
N SER B 97 1.68 17.91 14.40
CA SER B 97 0.86 17.25 15.42
C SER B 97 1.62 16.01 15.85
N ASN B 98 2.24 16.08 17.03
CA ASN B 98 3.24 15.10 17.42
C ASN B 98 3.04 14.50 18.81
N ALA B 99 2.26 15.13 19.69
CA ALA B 99 2.13 14.59 21.04
C ALA B 99 1.59 13.15 21.01
N GLY B 100 2.11 12.31 21.89
CA GLY B 100 1.69 10.92 21.89
C GLY B 100 2.25 10.19 23.09
N ILE B 101 1.60 9.08 23.42
CA ILE B 101 2.04 8.17 24.47
C ILE B 101 1.86 6.75 23.98
N GLN B 102 2.42 5.82 24.75
CA GLN B 102 2.27 4.39 24.48
C GLN B 102 1.74 3.70 25.74
N ILE B 103 0.72 2.87 25.57
CA ILE B 103 0.21 1.98 26.62
C ILE B 103 0.09 0.60 26.01
N VAL B 104 0.79 -0.38 26.58
CA VAL B 104 0.87 -1.72 26.00
CA VAL B 104 0.91 -1.73 26.03
C VAL B 104 0.06 -2.69 26.85
N ASN B 105 -0.64 -3.60 26.16
CA ASN B 105 -1.43 -4.68 26.75
C ASN B 105 -2.03 -5.52 25.62
N PRO B 106 -2.18 -6.82 25.79
CA PRO B 106 -2.96 -7.61 24.83
C PRO B 106 -4.41 -7.15 24.86
N ILE B 107 -5.11 -7.37 23.74
CA ILE B 107 -6.45 -6.83 23.57
C ILE B 107 -7.37 -7.24 24.71
N GLU B 108 -7.27 -8.50 25.17
CA GLU B 108 -8.20 -8.96 26.20
C GLU B 108 -7.96 -8.29 27.53
N ASN B 109 -6.79 -7.68 27.75
CA ASN B 109 -6.51 -6.94 28.97
C ASN B 109 -6.38 -5.45 28.73
N TYR B 110 -6.79 -4.96 27.56
CA TYR B 110 -6.70 -3.53 27.25
C TYR B 110 -7.93 -2.82 27.81
N SER B 111 -7.72 -1.94 28.78
CA SER B 111 -8.89 -1.33 29.39
C SER B 111 -9.52 -0.33 28.43
N PHE B 112 -10.85 -0.26 28.46
CA PHE B 112 -11.54 0.68 27.60
C PHE B 112 -11.15 2.11 27.94
N ALA B 113 -10.88 2.41 29.21
CA ALA B 113 -10.38 3.72 29.58
C ALA B 113 -9.04 4.03 28.89
N ASP B 114 -8.10 3.08 28.91
CA ASP B 114 -6.82 3.25 28.20
C ASP B 114 -7.04 3.40 26.70
N TRP B 115 -7.92 2.56 26.15
CA TRP B 115 -8.23 2.62 24.73
C TRP B 115 -8.67 4.03 24.33
N LYS B 116 -9.61 4.61 25.08
CA LYS B 116 -10.14 5.91 24.72
C LYS B 116 -9.11 7.01 24.94
N LYS B 117 -8.31 6.89 25.99
CA LYS B 117 -7.25 7.86 26.21
C LYS B 117 -6.27 7.87 25.06
N MET B 118 -5.89 6.69 24.57
CA MET B 118 -4.98 6.59 23.43
C MET B 118 -5.57 7.24 22.18
N GLN B 119 -6.83 6.94 21.86
CA GLN B 119 -7.42 7.55 20.67
C GLN B 119 -7.58 9.06 20.83
N ALA B 120 -7.91 9.51 22.05
CA ALA B 120 -8.06 10.94 22.30
C ALA B 120 -6.76 11.70 22.08
N ILE B 121 -5.64 11.16 22.58
CA ILE B 121 -4.37 11.86 22.45
C ILE B 121 -3.88 11.83 21.01
N HIS B 122 -3.88 10.64 20.41
CA HIS B 122 -3.31 10.48 19.08
C HIS B 122 -4.25 10.97 17.98
N VAL B 123 -5.51 10.57 18.02
CA VAL B 123 -6.43 10.85 16.93
C VAL B 123 -7.19 12.15 17.17
N ASP B 124 -7.88 12.27 18.31
CA ASP B 124 -8.60 13.51 18.55
C ASP B 124 -7.65 14.70 18.64
N GLY B 125 -6.44 14.50 19.20
CA GLY B 125 -5.48 15.59 19.25
C GLY B 125 -5.09 16.09 17.86
N ALA B 126 -4.85 15.16 16.93
CA ALA B 126 -4.55 15.58 15.57
C ALA B 126 -5.73 16.28 14.94
N PHE B 127 -6.94 15.77 15.16
CA PHE B 127 -8.13 16.41 14.60
C PHE B 127 -8.31 17.82 15.16
N LEU B 128 -8.22 17.95 16.50
CA LEU B 128 -8.52 19.23 17.14
C LEU B 128 -7.50 20.28 16.76
N THR B 129 -6.21 19.91 16.74
CA THR B 129 -5.19 20.91 16.40
C THR B 129 -5.28 21.29 14.92
N THR B 130 -5.57 20.32 14.04
CA THR B 130 -5.74 20.64 12.62
C THR B 130 -6.90 21.61 12.42
N LYS B 131 -8.05 21.28 13.01
CA LYS B 131 -9.21 22.14 12.84
C LYS B 131 -8.92 23.56 13.27
N ALA B 132 -8.29 23.74 14.43
CA ALA B 132 -7.97 25.09 14.91
C ALA B 132 -6.97 25.79 14.00
N ALA B 133 -5.95 25.05 13.55
CA ALA B 133 -4.94 25.64 12.68
C ALA B 133 -5.51 26.01 11.32
N LEU B 134 -6.43 25.20 10.79
CA LEU B 134 -7.00 25.50 9.47
C LEU B 134 -7.77 26.81 9.46
N LYS B 135 -8.43 27.16 10.57
CA LYS B 135 -9.12 28.45 10.61
C LYS B 135 -8.16 29.60 10.34
N HIS B 136 -6.91 29.46 10.78
CA HIS B 136 -5.92 30.48 10.49
C HIS B 136 -5.34 30.31 9.09
N MET B 137 -4.99 29.09 8.71
CA MET B 137 -4.34 28.84 7.42
C MET B 137 -5.26 29.14 6.25
N TYR B 138 -6.56 28.95 6.42
CA TYR B 138 -7.52 29.19 5.35
C TYR B 138 -7.82 30.67 5.15
N LYS B 139 -7.51 31.51 6.13
CA LYS B 139 -7.79 32.93 5.99
C LYS B 139 -7.05 33.47 4.76
N ASP B 140 -7.81 34.05 3.83
CA ASP B 140 -7.29 34.60 2.57
C ASP B 140 -6.42 33.58 1.83
N ASP B 141 -6.66 32.28 2.07
CA ASP B 141 -5.92 31.20 1.44
C ASP B 141 -4.42 31.40 1.60
N ARG B 142 -4.02 31.85 2.79
CA ARG B 142 -2.61 31.99 3.11
C ARG B 142 -1.88 30.67 2.97
N GLY B 143 -2.52 29.58 3.34
CA GLY B 143 -1.92 28.28 3.16
C GLY B 143 -1.15 27.81 4.38
N GLY B 144 -0.54 26.64 4.25
CA GLY B 144 0.03 26.05 5.44
C GLY B 144 0.52 24.65 5.15
N VAL B 145 1.27 24.12 6.11
CA VAL B 145 1.76 22.75 6.05
C VAL B 145 1.34 22.07 7.35
N VAL B 146 0.68 20.91 7.24
CA VAL B 146 0.26 20.17 8.42
C VAL B 146 0.93 18.80 8.37
N ILE B 147 1.72 18.49 9.38
CA ILE B 147 2.49 17.25 9.41
C ILE B 147 2.06 16.47 10.64
N TYR B 148 1.64 15.23 10.45
CA TYR B 148 1.29 14.37 11.57
C TYR B 148 2.44 13.44 11.85
N MET B 149 2.71 13.21 13.14
CA MET B 149 3.75 12.25 13.50
C MET B 149 3.09 10.90 13.59
N GLY B 150 3.26 10.09 12.55
CA GLY B 150 2.77 8.73 12.58
C GLY B 150 3.84 7.80 13.11
N SER B 151 4.05 6.66 12.48
CA SER B 151 4.93 5.60 12.97
C SER B 151 5.02 4.57 11.86
N VAL B 152 6.04 3.72 11.91
CA VAL B 152 5.93 2.50 11.11
C VAL B 152 4.65 1.77 11.49
N HIS B 153 4.16 1.97 12.73
CA HIS B 153 2.88 1.40 13.14
C HIS B 153 1.66 2.12 12.56
N SER B 154 1.84 3.12 11.69
CA SER B 154 0.75 3.54 10.81
C SER B 154 0.55 2.58 9.66
N HIS B 155 1.51 1.68 9.41
CA HIS B 155 1.52 0.82 8.24
C HIS B 155 1.60 -0.66 8.57
N GLU B 156 2.04 -1.01 9.77
CA GLU B 156 2.28 -2.39 10.14
C GLU B 156 1.94 -2.53 11.62
N ALA B 157 1.60 -3.75 12.05
CA ALA B 157 1.21 -3.97 13.43
C ALA B 157 2.31 -4.64 14.25
N SER B 158 2.19 -4.50 15.58
CA SER B 158 2.90 -5.31 16.56
C SER B 158 1.91 -5.75 17.62
N PRO B 159 2.11 -6.93 18.21
CA PRO B 159 1.23 -7.36 19.29
C PRO B 159 1.37 -6.44 20.48
N LEU B 160 0.30 -6.39 21.27
CA LEU B 160 0.19 -5.62 22.52
C LEU B 160 -0.03 -4.14 22.25
N LYS B 161 -0.17 -3.70 21.01
CA LYS B 161 -0.26 -2.28 20.72
C LYS B 161 -1.50 -1.96 19.91
N SER B 162 -2.62 -2.65 20.18
CA SER B 162 -3.84 -2.41 19.42
C SER B 162 -4.22 -0.92 19.39
N ALA B 163 -4.23 -0.26 20.56
CA ALA B 163 -4.71 1.13 20.58
C ALA B 163 -3.79 2.03 19.76
N TYR B 164 -2.49 1.90 19.96
CA TYR B 164 -1.52 2.74 19.28
C TYR B 164 -1.55 2.52 17.77
N VAL B 165 -1.56 1.24 17.35
CA VAL B 165 -1.50 0.94 15.93
C VAL B 165 -2.78 1.42 15.24
N THR B 166 -3.93 1.24 15.90
CA THR B 166 -5.19 1.75 15.38
C THR B 166 -5.10 3.26 15.16
N ALA B 167 -4.61 3.98 16.17
CA ALA B 167 -4.54 5.45 16.08
C ALA B 167 -3.57 5.90 15.00
N LYS B 168 -2.38 5.28 14.94
CA LYS B 168 -1.39 5.65 13.93
C LYS B 168 -1.88 5.33 12.51
N HIS B 169 -2.60 4.22 12.34
CA HIS B 169 -3.25 3.96 11.06
C HIS B 169 -4.30 5.02 10.73
N GLY B 170 -5.07 5.43 11.74
CA GLY B 170 -6.11 6.44 11.51
C GLY B 170 -5.55 7.77 11.02
N LEU B 171 -4.36 8.15 11.50
CA LEU B 171 -3.73 9.41 11.10
C LEU B 171 -3.53 9.48 9.61
N LEU B 172 -3.22 8.35 8.96
CA LEU B 172 -3.08 8.39 7.51
C LEU B 172 -4.37 8.86 6.87
N GLY B 173 -5.49 8.34 7.36
CA GLY B 173 -6.78 8.72 6.77
C GLY B 173 -7.06 10.20 6.90
N LEU B 174 -6.83 10.73 8.11
CA LEU B 174 -7.05 12.16 8.33
C LEU B 174 -6.16 12.97 7.40
N ALA B 175 -4.88 12.60 7.28
CA ALA B 175 -3.97 13.39 6.45
C ALA B 175 -4.40 13.35 4.99
N ARG B 176 -4.89 12.20 4.52
CA ARG B 176 -5.24 12.08 3.11
C ARG B 176 -6.47 12.91 2.81
N VAL B 177 -7.42 12.98 3.75
CA VAL B 177 -8.57 13.86 3.54
C VAL B 177 -8.13 15.32 3.54
N LEU B 178 -7.28 15.70 4.50
CA LEU B 178 -6.81 17.08 4.52
C LEU B 178 -6.09 17.44 3.22
N ALA B 179 -5.32 16.51 2.64
CA ALA B 179 -4.66 16.86 1.39
C ALA B 179 -5.67 17.24 0.33
N LYS B 180 -6.80 16.52 0.29
CA LYS B 180 -7.81 16.85 -0.70
C LYS B 180 -8.52 18.15 -0.35
N GLU B 181 -8.90 18.33 0.92
CA GLU B 181 -9.67 19.52 1.29
C GLU B 181 -8.82 20.78 1.27
N GLY B 182 -7.56 20.66 1.69
CA GLY B 182 -6.72 21.82 1.89
C GLY B 182 -6.19 22.43 0.62
N ALA B 183 -6.22 21.67 -0.47
CA ALA B 183 -5.52 22.07 -1.69
C ALA B 183 -6.01 23.43 -2.19
N LYS B 184 -7.32 23.66 -2.14
CA LYS B 184 -7.86 24.92 -2.66
C LYS B 184 -7.51 26.11 -1.79
N HIS B 185 -7.00 25.87 -0.58
CA HIS B 185 -6.56 26.94 0.32
C HIS B 185 -5.06 26.95 0.50
N ASN B 186 -4.32 26.24 -0.36
CA ASN B 186 -2.86 26.16 -0.32
C ASN B 186 -2.34 25.51 0.96
N VAL B 187 -3.11 24.60 1.53
CA VAL B 187 -2.65 23.80 2.67
C VAL B 187 -2.26 22.41 2.19
N ARG B 188 -1.08 21.97 2.59
CA ARG B 188 -0.57 20.61 2.35
C ARG B 188 -0.63 19.77 3.61
N SER B 189 -0.65 18.44 3.42
CA SER B 189 -0.59 17.53 4.55
C SER B 189 0.44 16.45 4.29
N HIS B 190 1.03 15.96 5.37
CA HIS B 190 1.96 14.83 5.26
C HIS B 190 1.94 14.07 6.57
N VAL B 191 2.47 12.84 6.53
CA VAL B 191 2.63 12.04 7.73
C VAL B 191 4.07 11.57 7.74
N VAL B 192 4.80 11.83 8.82
CA VAL B 192 6.13 11.28 8.97
C VAL B 192 6.04 10.04 9.86
N CYS B 193 6.77 8.98 9.49
CA CYS B 193 6.62 7.66 10.11
C CYS B 193 7.99 7.17 10.54
N PRO B 194 8.44 7.57 11.73
CA PRO B 194 9.75 7.11 12.21
C PRO B 194 9.70 5.65 12.59
N GLY B 195 10.86 4.99 12.47
CA GLY B 195 11.13 3.75 13.15
C GLY B 195 11.46 4.06 14.60
N PHE B 196 12.19 3.15 15.23
CA PHE B 196 12.53 3.33 16.65
C PHE B 196 13.44 4.53 16.87
N VAL B 197 13.08 5.39 17.84
CA VAL B 197 13.87 6.56 18.20
C VAL B 197 14.04 6.55 19.72
N ARG B 198 15.26 6.79 20.19
CA ARG B 198 15.57 6.76 21.62
C ARG B 198 14.98 7.99 22.30
N THR B 199 13.78 7.85 22.86
CA THR B 199 13.10 8.88 23.64
C THR B 199 12.50 8.25 24.89
N PRO B 200 11.95 9.05 25.82
CA PRO B 200 11.28 8.44 26.98
C PRO B 200 10.13 7.50 26.61
N LEU B 201 9.48 7.70 25.47
CA LEU B 201 8.41 6.79 25.06
C LEU B 201 8.95 5.38 24.85
N VAL B 202 10.13 5.26 24.26
CA VAL B 202 10.82 3.97 24.16
C VAL B 202 11.34 3.52 25.53
N ASP B 203 11.98 4.44 26.29
CA ASP B 203 12.57 4.04 27.58
C ASP B 203 11.55 3.37 28.49
N LYS B 204 10.32 3.86 28.50
CA LYS B 204 9.34 3.32 29.44
C LYS B 204 8.86 1.92 29.06
N GLN B 205 9.03 1.51 27.78
CA GLN B 205 8.54 0.22 27.32
C GLN B 205 9.54 -0.90 27.58
N ILE B 206 10.80 -0.67 27.23
CA ILE B 206 11.83 -1.71 27.24
C ILE B 206 11.88 -2.51 28.55
N PRO B 207 11.81 -1.90 29.73
CA PRO B 207 11.83 -2.71 30.97
C PRO B 207 10.73 -3.75 31.05
N GLU B 208 9.51 -3.39 30.65
CA GLU B 208 8.40 -4.34 30.63
C GLU B 208 8.71 -5.52 29.71
N GLN B 209 8.87 -5.24 28.42
CA GLN B 209 9.32 -6.24 27.46
C GLN B 209 10.72 -6.70 27.84
N GLU B 218 19.95 -5.64 26.26
CA GLU B 218 20.12 -5.16 24.90
C GLU B 218 19.50 -6.12 23.90
N GLU B 219 19.01 -7.25 24.41
CA GLU B 219 18.41 -8.24 23.52
C GLU B 219 17.11 -7.71 22.90
N VAL B 220 16.24 -7.11 23.71
CA VAL B 220 14.99 -6.55 23.18
C VAL B 220 15.28 -5.44 22.18
N ILE B 221 16.42 -4.77 22.30
CA ILE B 221 16.75 -3.65 21.43
C ILE B 221 17.31 -4.16 20.10
N LYS B 222 18.37 -4.98 20.17
CA LYS B 222 19.05 -5.41 18.94
C LYS B 222 18.20 -6.36 18.13
N LYS B 223 17.44 -7.24 18.80
CA LYS B 223 16.66 -8.26 18.11
C LYS B 223 15.21 -7.83 17.91
N VAL B 224 14.46 -7.71 19.00
CA VAL B 224 13.03 -7.45 18.92
C VAL B 224 12.76 -6.16 18.15
N MET B 225 13.50 -5.10 18.46
CA MET B 225 13.26 -3.80 17.81
C MET B 225 14.06 -3.70 16.52
N LEU B 226 15.38 -3.55 16.62
CA LEU B 226 16.16 -3.22 15.44
C LEU B 226 16.22 -4.36 14.43
N GLY B 227 15.78 -5.58 14.79
CA GLY B 227 15.76 -6.69 13.85
C GLY B 227 14.87 -6.46 12.64
N ASN B 228 13.99 -5.46 12.69
CA ASN B 228 13.11 -5.12 11.58
C ASN B 228 13.78 -4.21 10.55
N THR B 229 14.90 -3.59 10.89
CA THR B 229 15.61 -2.67 10.04
C THR B 229 16.56 -3.45 9.14
N VAL B 230 17.07 -2.79 8.10
CA VAL B 230 18.02 -3.46 7.20
C VAL B 230 19.45 -3.35 7.71
N ASP B 231 19.72 -2.44 8.66
CA ASP B 231 21.06 -2.15 9.09
C ASP B 231 21.25 -2.19 10.60
N GLY B 232 20.20 -2.43 11.38
CA GLY B 232 20.35 -2.49 12.84
C GLY B 232 20.61 -1.16 13.51
N VAL B 233 20.11 -0.07 12.94
CA VAL B 233 20.41 1.29 13.38
C VAL B 233 19.10 1.94 13.85
N PHE B 234 19.13 2.54 15.04
CA PHE B 234 18.01 3.37 15.47
C PHE B 234 17.83 4.55 14.53
N THR B 235 16.58 4.95 14.32
CA THR B 235 16.30 6.25 13.74
C THR B 235 16.64 7.33 14.76
N THR B 236 17.17 8.47 14.30
CA THR B 236 17.54 9.53 15.24
C THR B 236 16.51 10.65 15.20
N VAL B 237 16.50 11.46 16.27
CA VAL B 237 15.62 12.61 16.24
C VAL B 237 16.02 13.53 15.11
N GLN B 238 17.31 13.54 14.75
CA GLN B 238 17.75 14.35 13.62
C GLN B 238 17.16 13.85 12.31
N ASP B 239 17.16 12.52 12.08
CA ASP B 239 16.52 11.95 10.88
C ASP B 239 15.10 12.49 10.71
N VAL B 240 14.35 12.46 11.80
CA VAL B 240 12.94 12.87 11.72
C VAL B 240 12.83 14.37 11.49
N ALA B 241 13.57 15.16 12.26
CA ALA B 241 13.50 16.61 12.11
C ALA B 241 13.94 17.07 10.73
N GLN B 242 14.99 16.44 10.16
CA GLN B 242 15.42 16.84 8.83
C GLN B 242 14.35 16.57 7.79
N THR B 243 13.63 15.45 7.94
CA THR B 243 12.50 15.17 7.05
C THR B 243 11.38 16.18 7.22
N VAL B 244 11.06 16.55 8.47
CA VAL B 244 10.05 17.58 8.72
C VAL B 244 10.46 18.91 8.08
N LEU B 245 11.74 19.28 8.18
CA LEU B 245 12.17 20.55 7.61
C LEU B 245 12.11 20.52 6.08
N PHE B 246 12.49 19.40 5.47
CA PHE B 246 12.35 19.24 4.03
C PHE B 246 10.91 19.43 3.57
N LEU B 247 9.96 18.78 4.24
CA LEU B 247 8.55 18.96 3.89
C LEU B 247 8.10 20.38 4.13
N SER B 248 8.54 20.97 5.23
CA SER B 248 8.04 22.29 5.62
C SER B 248 8.45 23.36 4.62
N ALA B 249 9.63 23.21 3.99
CA ALA B 249 10.17 24.18 3.08
C ALA B 249 9.92 23.86 1.62
N PHE B 250 9.25 22.75 1.32
CA PHE B 250 9.16 22.32 -0.07
C PHE B 250 8.36 23.35 -0.88
N PRO B 251 8.83 23.71 -2.07
CA PRO B 251 8.29 24.90 -2.75
C PRO B 251 6.91 24.74 -3.37
N SER B 252 6.44 23.51 -3.57
CA SER B 252 5.10 23.31 -4.13
C SER B 252 4.38 22.32 -3.24
N ALA B 253 3.12 22.06 -3.59
CA ALA B 253 2.31 21.06 -2.91
C ALA B 253 2.54 19.66 -3.45
N ALA B 254 3.66 19.39 -4.13
CA ALA B 254 3.80 18.12 -4.82
C ALA B 254 3.77 16.91 -3.89
N LEU B 255 4.17 17.08 -2.63
CA LEU B 255 4.26 15.93 -1.73
C LEU B 255 3.03 15.77 -0.83
N THR B 256 1.97 16.53 -1.10
CA THR B 256 0.83 16.54 -0.20
C THR B 256 0.13 15.17 -0.17
N GLY B 257 -0.34 14.79 1.01
CA GLY B 257 -1.08 13.54 1.18
C GLY B 257 -0.21 12.32 1.42
N GLN B 258 1.12 12.45 1.37
CA GLN B 258 2.03 11.31 1.39
C GLN B 258 2.54 11.05 2.80
N SER B 259 2.85 9.79 3.10
CA SER B 259 3.57 9.44 4.33
C SER B 259 5.00 9.05 3.97
N PHE B 260 5.91 9.35 4.89
CA PHE B 260 7.34 9.21 4.68
C PHE B 260 7.87 8.31 5.78
N ILE B 261 8.34 7.15 5.40
CA ILE B 261 8.82 6.16 6.36
C ILE B 261 10.27 6.45 6.60
N VAL B 262 10.61 6.76 7.86
CA VAL B 262 11.97 7.15 8.22
C VAL B 262 12.45 6.12 9.23
N SER B 263 12.79 4.92 8.76
CA SER B 263 12.89 3.80 9.70
C SER B 263 14.05 2.86 9.44
N HIS B 264 14.97 3.20 8.53
CA HIS B 264 16.09 2.31 8.18
C HIS B 264 15.59 0.99 7.61
N GLY B 265 14.56 1.07 6.77
CA GLY B 265 14.16 -0.10 6.00
C GLY B 265 13.10 -0.96 6.65
N TRP B 266 12.54 -0.52 7.78
CA TRP B 266 11.47 -1.22 8.47
C TRP B 266 10.16 -0.77 7.84
N PHE B 267 9.56 -1.65 7.04
CA PHE B 267 8.39 -1.46 6.18
C PHE B 267 8.76 -0.62 4.98
N MET B 268 8.70 -1.16 3.78
CA MET B 268 9.07 -0.42 2.59
C MET B 268 7.85 -0.19 1.72
N GLN B 269 7.55 1.06 1.43
CA GLN B 269 6.50 1.37 0.45
C GLN B 269 7.12 2.26 -0.61
N ASN C 11 -19.36 -23.95 4.00
CA ASN C 11 -20.39 -24.42 4.93
C ASN C 11 -20.04 -24.11 6.38
N LEU C 12 -21.01 -23.57 7.12
CA LEU C 12 -20.79 -23.07 8.46
C LEU C 12 -21.71 -23.74 9.48
N ASN C 13 -22.21 -24.93 9.18
CA ASN C 13 -23.07 -25.61 10.15
C ASN C 13 -22.29 -25.88 11.43
N GLY C 14 -22.93 -25.63 12.56
CA GLY C 14 -22.29 -25.78 13.84
C GLY C 14 -21.56 -24.56 14.33
N LYS C 15 -21.39 -23.54 13.49
CA LYS C 15 -20.76 -22.30 13.91
C LYS C 15 -21.81 -21.24 14.25
N THR C 16 -21.40 -20.31 15.08
CA THR C 16 -22.22 -19.19 15.54
CA THR C 16 -22.24 -19.20 15.49
C THR C 16 -21.61 -17.89 15.05
N ALA C 17 -22.45 -16.94 14.65
CA ALA C 17 -21.99 -15.67 14.14
C ALA C 17 -22.77 -14.54 14.80
N VAL C 18 -22.07 -13.44 15.10
CA VAL C 18 -22.69 -12.19 15.54
CA VAL C 18 -22.70 -12.21 15.52
C VAL C 18 -22.35 -11.13 14.51
N VAL C 19 -23.37 -10.47 13.96
CA VAL C 19 -23.21 -9.39 12.99
C VAL C 19 -23.80 -8.13 13.61
N THR C 20 -22.97 -7.12 13.85
CA THR C 20 -23.53 -5.88 14.36
C THR C 20 -24.02 -5.02 13.19
N GLY C 21 -25.03 -4.20 13.47
CA GLY C 21 -25.61 -3.39 12.42
C GLY C 21 -26.42 -4.16 11.41
N ALA C 22 -26.84 -5.39 11.73
CA ALA C 22 -27.44 -6.27 10.74
C ALA C 22 -28.95 -6.13 10.66
N ALA C 23 -29.55 -5.11 11.27
CA ALA C 23 -30.95 -4.88 11.00
C ALA C 23 -31.19 -4.38 9.58
N SER C 24 -30.15 -3.96 8.86
CA SER C 24 -30.36 -3.28 7.59
CA SER C 24 -30.38 -3.33 7.56
C SER C 24 -29.15 -3.48 6.68
N GLY C 25 -29.36 -3.25 5.39
CA GLY C 25 -28.27 -3.05 4.45
C GLY C 25 -27.30 -4.21 4.37
N ILE C 26 -26.01 -3.85 4.33
CA ILE C 26 -24.93 -4.82 4.16
C ILE C 26 -24.96 -5.85 5.27
N GLY C 27 -25.09 -5.39 6.52
CA GLY C 27 -25.10 -6.31 7.64
C GLY C 27 -26.26 -7.28 7.59
N LYS C 28 -27.42 -6.79 7.16
CA LYS C 28 -28.57 -7.69 7.03
C LYS C 28 -28.27 -8.78 6.02
N GLU C 29 -27.72 -8.42 4.87
CA GLU C 29 -27.44 -9.44 3.86
C GLU C 29 -26.40 -10.45 4.35
N ILE C 30 -25.39 -9.97 5.07
CA ILE C 30 -24.38 -10.86 5.64
C ILE C 30 -25.03 -11.88 6.57
N ALA C 31 -25.94 -11.41 7.43
CA ALA C 31 -26.62 -12.32 8.37
C ALA C 31 -27.44 -13.37 7.64
N LEU C 32 -28.16 -12.96 6.59
CA LEU C 32 -28.99 -13.92 5.84
C LEU C 32 -28.12 -14.98 5.17
N GLU C 33 -27.00 -14.56 4.58
CA GLU C 33 -26.16 -15.51 3.87
C GLU C 33 -25.37 -16.40 4.82
N LEU C 34 -24.89 -15.86 5.95
CA LEU C 34 -24.25 -16.71 6.95
C LEU C 34 -25.22 -17.77 7.47
N ALA C 35 -26.48 -17.39 7.68
CA ALA C 35 -27.49 -18.35 8.15
C ALA C 35 -27.81 -19.37 7.07
N LYS C 36 -27.86 -18.95 5.81
CA LYS C 36 -28.13 -19.92 4.75
C LYS C 36 -27.01 -20.94 4.65
N ALA C 37 -25.78 -20.55 5.02
CA ALA C 37 -24.65 -21.46 5.03
C ALA C 37 -24.63 -22.39 6.23
N GLY C 38 -25.56 -22.24 7.18
CA GLY C 38 -25.65 -23.13 8.33
C GLY C 38 -25.27 -22.52 9.67
N ALA C 39 -24.77 -21.29 9.69
CA ALA C 39 -24.41 -20.66 10.96
C ALA C 39 -25.66 -20.22 11.71
N ALA C 40 -25.60 -20.33 13.03
CA ALA C 40 -26.56 -19.66 13.90
C ALA C 40 -26.13 -18.19 14.05
N VAL C 41 -27.03 -17.25 13.76
CA VAL C 41 -26.67 -15.84 13.63
C VAL C 41 -27.39 -15.02 14.67
N ALA C 42 -26.65 -14.13 15.34
CA ALA C 42 -27.25 -13.12 16.21
C ALA C 42 -27.15 -11.78 15.52
N ILE C 43 -28.28 -11.10 15.35
CA ILE C 43 -28.33 -9.79 14.73
C ILE C 43 -28.30 -8.76 15.86
N ALA C 44 -27.18 -8.08 15.98
CA ALA C 44 -26.96 -7.09 17.04
C ALA C 44 -27.13 -5.70 16.43
N ASP C 45 -28.03 -4.90 16.99
CA ASP C 45 -28.32 -3.63 16.37
C ASP C 45 -28.99 -2.71 17.40
N LEU C 46 -28.77 -1.41 17.24
CA LEU C 46 -29.53 -0.43 18.01
C LEU C 46 -31.03 -0.57 17.76
N ASN C 47 -31.41 -0.95 16.54
CA ASN C 47 -32.80 -1.09 16.12
C ASN C 47 -33.27 -2.49 16.51
N GLN C 48 -33.90 -2.60 17.67
CA GLN C 48 -34.28 -3.93 18.17
C GLN C 48 -35.38 -4.58 17.31
N ASP C 49 -36.40 -3.81 16.93
CA ASP C 49 -37.45 -4.39 16.09
C ASP C 49 -36.89 -4.87 14.76
N GLY C 50 -36.03 -4.04 14.13
CA GLY C 50 -35.41 -4.44 12.89
C GLY C 50 -34.51 -5.65 13.04
N ALA C 51 -33.84 -5.77 14.18
CA ALA C 51 -33.01 -6.95 14.42
C ALA C 51 -33.86 -8.22 14.59
N ASN C 52 -34.93 -8.13 15.40
CA ASN C 52 -35.84 -9.26 15.53
C ASN C 52 -36.47 -9.63 14.20
N ALA C 53 -36.69 -8.63 13.33
CA ALA C 53 -37.30 -8.89 12.03
C ALA C 53 -36.37 -9.73 11.15
N VAL C 54 -35.09 -9.37 11.10
CA VAL C 54 -34.14 -10.16 10.33
C VAL C 54 -34.02 -11.56 10.91
N ALA C 55 -33.96 -11.67 12.24
CA ALA C 55 -33.87 -12.99 12.88
C ALA C 55 -35.08 -13.84 12.52
N ASP C 56 -36.28 -13.25 12.56
CA ASP C 56 -37.46 -14.02 12.20
C ASP C 56 -37.46 -14.41 10.72
N GLU C 57 -36.94 -13.56 9.84
CA GLU C 57 -36.80 -13.96 8.44
C GLU C 57 -35.92 -15.20 8.32
N ILE C 58 -34.85 -15.25 9.11
CA ILE C 58 -33.95 -16.40 9.07
C ILE C 58 -34.64 -17.65 9.63
N ASN C 59 -35.33 -17.49 10.75
CA ASN C 59 -35.97 -18.64 11.39
C ASN C 59 -37.07 -19.23 10.53
N LYS C 60 -37.86 -18.39 9.87
CA LYS C 60 -38.95 -18.88 9.03
C LYS C 60 -38.42 -19.65 7.83
N ALA C 61 -37.25 -19.29 7.34
CA ALA C 61 -36.58 -20.02 6.28
C ALA C 61 -35.87 -21.27 6.78
N GLY C 62 -35.99 -21.59 8.08
CA GLY C 62 -35.43 -22.80 8.63
C GLY C 62 -34.06 -22.68 9.24
N GLY C 63 -33.53 -21.48 9.38
CA GLY C 63 -32.25 -21.25 10.03
C GLY C 63 -32.42 -21.07 11.53
N LYS C 64 -31.39 -20.54 12.16
CA LYS C 64 -31.40 -20.29 13.60
C LYS C 64 -30.84 -18.90 13.84
N ALA C 65 -31.63 -18.05 14.49
CA ALA C 65 -31.23 -16.66 14.65
C ALA C 65 -31.96 -16.01 15.81
N ILE C 66 -31.30 -15.03 16.43
CA ILE C 66 -31.90 -14.21 17.47
C ILE C 66 -31.56 -12.75 17.19
N GLY C 67 -32.43 -11.85 17.64
CA GLY C 67 -32.15 -10.43 17.65
C GLY C 67 -31.60 -10.01 19.01
N VAL C 68 -30.59 -9.16 19.00
CA VAL C 68 -29.92 -8.70 20.21
C VAL C 68 -29.87 -7.17 20.17
N ALA C 69 -30.56 -6.51 21.11
CA ALA C 69 -30.43 -5.06 21.23
C ALA C 69 -29.03 -4.72 21.73
N MET C 70 -28.31 -3.89 20.98
CA MET C 70 -26.92 -3.60 21.34
C MET C 70 -26.51 -2.25 20.76
N ASP C 71 -26.16 -1.32 21.65
CA ASP C 71 -25.40 -0.13 21.29
C ASP C 71 -23.91 -0.46 21.33
N VAL C 72 -23.26 -0.53 20.16
CA VAL C 72 -21.88 -0.97 20.09
C VAL C 72 -20.90 0.04 20.69
N THR C 73 -21.36 1.24 21.04
CA THR C 73 -20.47 2.19 21.71
C THR C 73 -20.43 2.00 23.21
N ASN C 74 -21.29 1.15 23.76
CA ASN C 74 -21.48 1.02 25.20
C ASN C 74 -20.90 -0.30 25.67
N GLU C 75 -19.88 -0.23 26.52
CA GLU C 75 -19.16 -1.44 26.94
C GLU C 75 -20.09 -2.45 27.61
N GLU C 76 -20.96 -2.00 28.51
CA GLU C 76 -21.87 -2.93 29.16
C GLU C 76 -22.82 -3.58 28.18
N ALA C 77 -23.40 -2.80 27.27
CA ALA C 77 -24.31 -3.37 26.27
C ALA C 77 -23.62 -4.41 25.40
N VAL C 78 -22.38 -4.12 24.99
CA VAL C 78 -21.64 -5.07 24.14
C VAL C 78 -21.33 -6.34 24.92
N ASN C 79 -20.78 -6.19 26.13
CA ASN C 79 -20.44 -7.37 26.93
C ASN C 79 -21.68 -8.22 27.21
N THR C 80 -22.77 -7.58 27.61
CA THR C 80 -24.00 -8.30 27.92
C THR C 80 -24.55 -9.01 26.69
N GLY C 81 -24.59 -8.31 25.55
CA GLY C 81 -25.12 -8.90 24.35
C GLY C 81 -24.29 -10.07 23.84
N ILE C 82 -22.96 -9.92 23.86
CA ILE C 82 -22.12 -11.01 23.36
C ILE C 82 -22.24 -12.22 24.27
N ASP C 83 -22.16 -12.02 25.59
CA ASP C 83 -22.34 -13.13 26.52
C ASP C 83 -23.71 -13.78 26.35
N LYS C 84 -24.73 -13.00 25.96
CA LYS C 84 -26.04 -13.57 25.71
C LYS C 84 -26.00 -14.55 24.54
N VAL C 85 -25.34 -14.14 23.44
CA VAL C 85 -25.19 -15.01 22.27
C VAL C 85 -24.47 -16.30 22.67
N ALA C 86 -23.37 -16.17 23.43
CA ALA C 86 -22.62 -17.33 23.87
C ALA C 86 -23.47 -18.28 24.70
N GLU C 87 -24.36 -17.73 25.54
CA GLU C 87 -25.22 -18.61 26.33
C GLU C 87 -26.35 -19.19 25.48
N ALA C 88 -26.88 -18.41 24.54
CA ALA C 88 -27.97 -18.89 23.69
C ALA C 88 -27.48 -19.95 22.71
N PHE C 89 -26.38 -19.67 21.99
CA PHE C 89 -25.91 -20.55 20.92
C PHE C 89 -24.76 -21.47 21.33
N GLY C 90 -24.07 -21.19 22.44
CA GLY C 90 -23.02 -22.06 22.93
C GLY C 90 -21.62 -21.56 22.67
N SER C 91 -21.45 -20.63 21.74
CA SER C 91 -20.13 -20.08 21.40
C SER C 91 -20.37 -18.80 20.60
N VAL C 92 -19.26 -18.13 20.27
CA VAL C 92 -19.23 -16.97 19.36
C VAL C 92 -18.06 -17.19 18.42
N ASP C 93 -18.31 -17.81 17.28
CA ASP C 93 -17.22 -18.25 16.40
C ASP C 93 -16.83 -17.20 15.38
N ILE C 94 -17.78 -16.37 14.97
CA ILE C 94 -17.58 -15.39 13.91
C ILE C 94 -18.14 -14.07 14.43
N LEU C 95 -17.30 -13.03 14.44
CA LEU C 95 -17.77 -11.68 14.75
C LEU C 95 -17.62 -10.84 13.49
N VAL C 96 -18.70 -10.21 13.06
CA VAL C 96 -18.64 -9.24 11.97
C VAL C 96 -19.03 -7.89 12.56
N SER C 97 -18.05 -6.99 12.68
CA SER C 97 -18.25 -5.66 13.27
C SER C 97 -18.58 -4.72 12.13
N ASN C 98 -19.86 -4.33 12.02
CA ASN C 98 -20.36 -3.73 10.78
C ASN C 98 -21.21 -2.47 10.98
N ALA C 99 -21.75 -2.22 12.18
CA ALA C 99 -22.58 -1.03 12.38
C ALA C 99 -21.81 0.23 11.99
N GLY C 100 -22.47 1.13 11.27
CA GLY C 100 -21.81 2.35 10.87
C GLY C 100 -22.75 3.54 10.84
N ILE C 101 -22.18 4.69 10.47
CA ILE C 101 -22.87 5.98 10.41
C ILE C 101 -22.02 6.86 9.51
N GLN C 102 -22.65 7.80 8.82
CA GLN C 102 -21.87 8.79 8.06
C GLN C 102 -22.30 10.18 8.46
N ILE C 103 -21.34 11.07 8.71
CA ILE C 103 -21.60 12.48 9.02
C ILE C 103 -20.55 13.29 8.29
N VAL C 104 -20.99 14.18 7.38
CA VAL C 104 -20.03 14.86 6.51
C VAL C 104 -19.95 16.33 6.89
N ASN C 105 -18.77 16.90 6.68
CA ASN C 105 -18.42 18.31 6.89
C ASN C 105 -16.93 18.46 6.60
N PRO C 106 -16.48 19.65 6.19
CA PRO C 106 -15.05 19.88 6.06
C PRO C 106 -14.40 19.92 7.44
N ILE C 107 -13.11 19.61 7.46
CA ILE C 107 -12.39 19.49 8.74
C ILE C 107 -12.50 20.77 9.55
N GLU C 108 -12.35 21.95 8.89
CA GLU C 108 -12.35 23.19 9.68
C GLU C 108 -13.72 23.49 10.28
N ASN C 109 -14.79 22.86 9.80
CA ASN C 109 -16.08 23.00 10.47
C ASN C 109 -16.66 21.65 10.85
N TYR C 110 -15.80 20.71 11.28
CA TYR C 110 -16.30 19.41 11.74
C TYR C 110 -16.57 19.46 13.24
N SER C 111 -17.81 19.11 13.64
CA SER C 111 -18.20 19.10 15.05
C SER C 111 -17.43 18.05 15.84
N PHE C 112 -16.85 18.46 16.97
CA PHE C 112 -16.13 17.50 17.80
C PHE C 112 -17.10 16.47 18.39
N ALA C 113 -18.33 16.89 18.76
CA ALA C 113 -19.32 15.89 19.17
C ALA C 113 -19.54 14.85 18.08
N ASP C 114 -19.65 15.27 16.82
CA ASP C 114 -19.84 14.29 15.76
C ASP C 114 -18.58 13.47 15.54
N TRP C 115 -17.40 14.09 15.68
CA TRP C 115 -16.16 13.35 15.53
C TRP C 115 -16.09 12.23 16.54
N LYS C 116 -16.44 12.52 17.81
CA LYS C 116 -16.36 11.51 18.85
C LYS C 116 -17.39 10.41 18.64
N LYS C 117 -18.57 10.78 18.13
CA LYS C 117 -19.59 9.79 17.83
C LYS C 117 -19.18 8.88 16.69
N MET C 118 -18.52 9.45 15.66
CA MET C 118 -18.03 8.63 14.55
C MET C 118 -16.97 7.65 15.04
N GLN C 119 -16.05 8.10 15.89
CA GLN C 119 -15.01 7.22 16.44
CA GLN C 119 -15.04 7.15 16.32
C GLN C 119 -15.63 6.13 17.30
N ALA C 120 -16.62 6.50 18.11
CA ALA C 120 -17.23 5.55 19.04
C ALA C 120 -17.92 4.42 18.30
N ILE C 121 -18.68 4.74 17.26
CA ILE C 121 -19.44 3.71 16.57
C ILE C 121 -18.51 2.81 15.76
N HIS C 122 -17.67 3.43 14.92
CA HIS C 122 -16.82 2.64 14.02
C HIS C 122 -15.66 1.97 14.77
N VAL C 123 -14.91 2.73 15.57
CA VAL C 123 -13.66 2.22 16.14
C VAL C 123 -13.89 1.60 17.52
N ASP C 124 -14.54 2.31 18.45
CA ASP C 124 -14.84 1.70 19.74
C ASP C 124 -15.73 0.47 19.58
N GLY C 125 -16.71 0.53 18.68
CA GLY C 125 -17.57 -0.64 18.45
C GLY C 125 -16.76 -1.86 18.04
N ALA C 126 -15.79 -1.69 17.13
CA ALA C 126 -14.92 -2.79 16.74
C ALA C 126 -14.08 -3.27 17.93
N PHE C 127 -13.52 -2.33 18.71
CA PHE C 127 -12.69 -2.74 19.84
C PHE C 127 -13.52 -3.48 20.89
N LEU C 128 -14.68 -2.92 21.26
CA LEU C 128 -15.47 -3.50 22.33
C LEU C 128 -16.01 -4.88 21.94
N THR C 129 -16.57 -5.00 20.73
CA THR C 129 -17.11 -6.30 20.35
C THR C 129 -16.00 -7.33 20.18
N THR C 130 -14.83 -6.90 19.67
CA THR C 130 -13.71 -7.81 19.53
C THR C 130 -13.32 -8.36 20.90
N LYS C 131 -13.12 -7.46 21.86
CA LYS C 131 -12.66 -7.88 23.19
C LYS C 131 -13.66 -8.82 23.86
N ALA C 132 -14.96 -8.49 23.78
CA ALA C 132 -15.99 -9.38 24.31
C ALA C 132 -15.96 -10.74 23.63
N ALA C 133 -15.82 -10.77 22.31
CA ALA C 133 -15.82 -12.03 21.58
C ALA C 133 -14.57 -12.85 21.89
N LEU C 134 -13.42 -12.19 22.09
CA LEU C 134 -12.20 -12.92 22.38
C LEU C 134 -12.30 -13.68 23.70
N LYS C 135 -13.07 -13.16 24.65
CA LYS C 135 -13.24 -13.87 25.91
C LYS C 135 -13.80 -15.26 25.69
N HIS C 136 -14.59 -15.44 24.64
CA HIS C 136 -15.10 -16.75 24.29
C HIS C 136 -14.20 -17.49 23.31
N MET C 137 -13.68 -16.78 22.29
CA MET C 137 -12.85 -17.42 21.29
C MET C 137 -11.55 -17.94 21.90
N TYR C 138 -11.00 -17.21 22.86
CA TYR C 138 -9.73 -17.62 23.47
C TYR C 138 -9.91 -18.77 24.44
N LYS C 139 -11.14 -19.00 24.91
CA LYS C 139 -11.38 -20.05 25.88
C LYS C 139 -11.04 -21.40 25.27
N ASP C 140 -10.06 -22.08 25.89
CA ASP C 140 -9.54 -23.37 25.41
C ASP C 140 -9.00 -23.28 23.98
N ASP C 141 -8.57 -22.08 23.59
CA ASP C 141 -8.04 -21.81 22.26
C ASP C 141 -8.99 -22.31 21.17
N ARG C 142 -10.29 -22.16 21.43
CA ARG C 142 -11.30 -22.58 20.47
C ARG C 142 -11.14 -21.88 19.13
N GLY C 143 -10.86 -20.58 19.14
CA GLY C 143 -10.59 -19.85 17.91
C GLY C 143 -11.80 -19.10 17.41
N GLY C 144 -11.63 -18.44 16.27
CA GLY C 144 -12.72 -17.71 15.67
C GLY C 144 -12.24 -16.85 14.54
N VAL C 145 -13.20 -16.20 13.88
CA VAL C 145 -12.94 -15.29 12.77
C VAL C 145 -13.54 -13.94 13.12
N VAL C 146 -12.73 -12.87 13.06
CA VAL C 146 -13.20 -11.52 13.33
C VAL C 146 -13.04 -10.71 12.05
N ILE C 147 -14.15 -10.16 11.54
CA ILE C 147 -14.13 -9.39 10.30
C ILE C 147 -14.64 -8.00 10.63
N TYR C 148 -13.87 -6.98 10.27
CA TYR C 148 -14.34 -5.61 10.38
C TYR C 148 -14.82 -5.15 9.02
N MET C 149 -15.91 -4.40 9.01
CA MET C 149 -16.38 -3.77 7.79
C MET C 149 -15.67 -2.43 7.65
N GLY C 150 -14.74 -2.37 6.69
CA GLY C 150 -14.06 -1.13 6.36
C GLY C 150 -14.74 -0.50 5.18
N SER C 151 -13.95 0.00 4.24
CA SER C 151 -14.46 0.73 3.08
C SER C 151 -13.29 0.87 2.13
N VAL C 152 -13.59 1.21 0.87
CA VAL C 152 -12.49 1.78 0.07
C VAL C 152 -11.85 2.94 0.82
N HIS C 153 -12.64 3.64 1.64
CA HIS C 153 -12.13 4.72 2.50
C HIS C 153 -11.32 4.25 3.71
N SER C 154 -11.07 2.95 3.86
CA SER C 154 -9.97 2.47 4.70
C SER C 154 -8.62 2.72 4.05
N HIS C 155 -8.61 2.93 2.74
CA HIS C 155 -7.37 2.95 1.96
C HIS C 155 -7.16 4.23 1.18
N GLU C 156 -8.21 5.03 1.00
CA GLU C 156 -8.17 6.22 0.16
C GLU C 156 -9.13 7.24 0.76
N ALA C 157 -8.90 8.52 0.48
CA ALA C 157 -9.69 9.58 1.12
C ALA C 157 -10.69 10.19 0.14
N SER C 158 -11.72 10.80 0.71
CA SER C 158 -12.58 11.72 -0.02
C SER C 158 -12.78 12.97 0.82
N PRO C 159 -12.94 14.13 0.19
CA PRO C 159 -13.21 15.34 0.99
C PRO C 159 -14.54 15.25 1.72
N LEU C 160 -14.60 15.92 2.86
CA LEU C 160 -15.77 16.11 3.74
C LEU C 160 -16.01 14.87 4.59
N LYS C 161 -15.14 13.85 4.52
CA LYS C 161 -15.35 12.61 5.23
C LYS C 161 -14.20 12.28 6.16
N SER C 162 -13.60 13.33 6.77
CA SER C 162 -12.43 13.09 7.61
C SER C 162 -12.71 12.06 8.70
N ALA C 163 -13.85 12.20 9.40
CA ALA C 163 -14.11 11.32 10.54
C ALA C 163 -14.26 9.87 10.08
N TYR C 164 -15.05 9.67 9.03
CA TYR C 164 -15.28 8.33 8.50
C TYR C 164 -13.99 7.71 7.98
N VAL C 165 -13.25 8.47 7.16
CA VAL C 165 -12.00 7.95 6.58
C VAL C 165 -11.00 7.62 7.68
N THR C 166 -10.88 8.49 8.69
CA THR C 166 -9.95 8.22 9.77
C THR C 166 -10.32 6.92 10.49
N ALA C 167 -11.61 6.74 10.79
CA ALA C 167 -12.08 5.55 11.48
C ALA C 167 -11.84 4.29 10.66
N LYS C 168 -12.19 4.34 9.37
CA LYS C 168 -12.04 3.17 8.51
C LYS C 168 -10.57 2.82 8.28
N HIS C 169 -9.69 3.82 8.22
CA HIS C 169 -8.25 3.57 8.22
C HIS C 169 -7.81 2.89 9.52
N GLY C 170 -8.28 3.40 10.67
CA GLY C 170 -7.93 2.80 11.94
C GLY C 170 -8.31 1.34 12.07
N LEU C 171 -9.44 0.92 11.48
CA LEU C 171 -9.85 -0.48 11.57
C LEU C 171 -8.80 -1.41 10.98
N LEU C 172 -8.06 -0.95 9.95
CA LEU C 172 -7.01 -1.80 9.41
C LEU C 172 -5.96 -2.08 10.47
N GLY C 173 -5.59 -1.04 11.23
CA GLY C 173 -4.59 -1.23 12.27
C GLY C 173 -5.05 -2.20 13.33
N LEU C 174 -6.29 -2.05 13.80
CA LEU C 174 -6.80 -2.97 14.82
C LEU C 174 -6.76 -4.41 14.30
N ALA C 175 -7.22 -4.63 13.06
CA ALA C 175 -7.27 -5.98 12.52
C ALA C 175 -5.88 -6.58 12.38
N ARG C 176 -4.89 -5.75 12.03
CA ARG C 176 -3.53 -6.25 11.86
C ARG C 176 -2.91 -6.66 13.20
N VAL C 177 -3.21 -5.91 14.26
CA VAL C 177 -2.77 -6.32 15.59
C VAL C 177 -3.46 -7.61 16.01
N LEU C 178 -4.78 -7.70 15.80
CA LEU C 178 -5.51 -8.90 16.18
C LEU C 178 -4.95 -10.12 15.47
N ALA C 179 -4.58 -9.97 14.20
CA ALA C 179 -3.99 -11.11 13.49
C ALA C 179 -2.75 -11.62 14.20
N LYS C 180 -1.90 -10.72 14.68
CA LYS C 180 -0.70 -11.14 15.38
C LYS C 180 -1.02 -11.72 16.76
N GLU C 181 -1.87 -11.03 17.54
CA GLU C 181 -2.18 -11.52 18.89
C GLU C 181 -3.05 -12.77 18.85
N GLY C 182 -3.98 -12.83 17.89
CA GLY C 182 -4.97 -13.90 17.90
C GLY C 182 -4.44 -15.24 17.44
N ALA C 183 -3.32 -15.24 16.71
CA ALA C 183 -2.82 -16.44 16.07
C ALA C 183 -2.64 -17.59 17.05
N LYS C 184 -2.04 -17.33 18.21
CA LYS C 184 -1.76 -18.41 19.14
C LYS C 184 -3.02 -19.02 19.74
N HIS C 185 -4.16 -18.34 19.60
CA HIS C 185 -5.44 -18.83 20.10
C HIS C 185 -6.36 -19.26 18.97
N ASN C 186 -5.84 -19.39 17.75
CA ASN C 186 -6.62 -19.80 16.58
C ASN C 186 -7.65 -18.76 16.16
N VAL C 187 -7.41 -17.47 16.44
CA VAL C 187 -8.30 -16.40 15.98
C VAL C 187 -7.67 -15.71 14.79
N ARG C 188 -8.44 -15.55 13.72
CA ARG C 188 -8.05 -14.80 12.53
C ARG C 188 -8.81 -13.48 12.44
N SER C 189 -8.22 -12.53 11.71
CA SER C 189 -8.83 -11.22 11.48
C SER C 189 -8.79 -10.89 9.99
N HIS C 190 -9.81 -10.14 9.56
CA HIS C 190 -9.84 -9.62 8.19
C HIS C 190 -10.60 -8.31 8.19
N VAL C 191 -10.39 -7.53 7.14
CA VAL C 191 -11.18 -6.32 6.91
C VAL C 191 -11.77 -6.45 5.52
N VAL C 192 -13.10 -6.28 5.40
CA VAL C 192 -13.73 -6.23 4.08
C VAL C 192 -14.03 -4.78 3.76
N CYS C 193 -13.66 -4.35 2.55
CA CYS C 193 -13.66 -2.94 2.14
C CYS C 193 -14.54 -2.74 0.93
N PRO C 194 -15.84 -2.50 1.10
CA PRO C 194 -16.69 -2.31 -0.08
C PRO C 194 -16.50 -0.94 -0.71
N GLY C 195 -16.78 -0.89 -2.02
CA GLY C 195 -17.08 0.37 -2.68
C GLY C 195 -18.51 0.78 -2.36
N PHE C 196 -19.04 1.71 -3.16
CA PHE C 196 -20.42 2.16 -2.90
C PHE C 196 -21.40 1.00 -3.08
N VAL C 197 -22.31 0.85 -2.14
CA VAL C 197 -23.39 -0.14 -2.18
C VAL C 197 -24.73 0.59 -2.09
N ARG C 198 -25.74 0.13 -2.85
CA ARG C 198 -27.05 0.79 -2.85
C ARG C 198 -27.86 0.43 -1.61
N THR C 199 -27.45 1.00 -0.50
CA THR C 199 -28.23 0.97 0.73
C THR C 199 -29.11 2.20 0.82
N PRO C 200 -30.08 2.22 1.75
CA PRO C 200 -30.95 3.41 1.87
C PRO C 200 -30.22 4.75 1.90
N LEU C 201 -29.23 4.91 2.79
CA LEU C 201 -28.50 6.16 2.88
C LEU C 201 -27.86 6.55 1.54
N VAL C 202 -27.55 5.58 0.69
CA VAL C 202 -26.91 5.88 -0.58
C VAL C 202 -27.95 6.26 -1.64
N ASP C 203 -29.04 5.50 -1.74
CA ASP C 203 -30.16 5.88 -2.59
C ASP C 203 -30.68 7.27 -2.27
N LYS C 204 -30.47 7.75 -1.04
CA LYS C 204 -30.77 9.14 -0.71
C LYS C 204 -29.67 10.07 -1.21
N GLN C 205 -28.41 9.64 -1.13
CA GLN C 205 -27.32 10.50 -1.57
C GLN C 205 -27.46 10.90 -3.03
N ILE C 206 -28.04 10.02 -3.86
CA ILE C 206 -27.95 10.17 -5.31
C ILE C 206 -28.83 11.31 -5.79
N PRO C 207 -30.13 11.37 -5.45
CA PRO C 207 -30.91 12.58 -5.78
C PRO C 207 -30.43 13.83 -5.07
N GLU C 208 -29.89 13.71 -3.86
CA GLU C 208 -29.39 14.88 -3.15
C GLU C 208 -28.15 15.44 -3.83
N GLN C 209 -27.20 14.58 -4.18
CA GLN C 209 -26.00 15.05 -4.87
C GLN C 209 -26.32 15.57 -6.27
N ALA C 210 -27.30 14.97 -6.95
CA ALA C 210 -27.71 15.46 -8.25
C ALA C 210 -28.16 16.92 -8.19
N LYS C 211 -29.14 17.22 -7.33
CA LYS C 211 -29.60 18.59 -7.16
C LYS C 211 -28.43 19.52 -6.78
N GLU C 212 -27.62 19.11 -5.81
CA GLU C 212 -26.57 20.00 -5.30
C GLU C 212 -25.50 20.30 -6.35
N LEU C 213 -25.04 19.28 -7.08
CA LEU C 213 -24.00 19.49 -8.09
C LEU C 213 -24.54 20.04 -9.39
N GLY C 214 -25.86 20.14 -9.55
CA GLY C 214 -26.41 20.61 -10.82
C GLY C 214 -26.11 19.72 -12.01
N ILE C 215 -26.01 18.41 -11.80
CA ILE C 215 -25.83 17.45 -12.89
C ILE C 215 -26.93 16.39 -12.77
N SER C 216 -27.10 15.61 -13.85
CA SER C 216 -28.11 14.57 -13.89
C SER C 216 -27.81 13.47 -12.87
N GLU C 217 -28.86 12.75 -12.50
CA GLU C 217 -28.69 11.62 -11.59
C GLU C 217 -27.77 10.55 -12.17
N GLU C 218 -27.89 10.26 -13.45
CA GLU C 218 -27.01 9.27 -14.06
C GLU C 218 -25.55 9.71 -14.00
N GLU C 219 -25.31 11.01 -14.11
CA GLU C 219 -23.95 11.54 -14.03
C GLU C 219 -23.41 11.52 -12.60
N VAL C 220 -24.28 11.70 -11.61
CA VAL C 220 -23.84 11.49 -10.23
C VAL C 220 -23.38 10.05 -10.04
N ILE C 221 -24.13 9.09 -10.58
CA ILE C 221 -23.78 7.68 -10.42
C ILE C 221 -22.48 7.37 -11.13
N LYS C 222 -22.42 7.66 -12.44
CA LYS C 222 -21.34 7.19 -13.28
C LYS C 222 -20.05 7.99 -13.09
N LYS C 223 -20.17 9.28 -12.82
CA LYS C 223 -18.98 10.12 -12.73
C LYS C 223 -18.56 10.43 -11.31
N VAL C 224 -19.50 10.76 -10.42
CA VAL C 224 -19.14 11.19 -9.07
C VAL C 224 -18.95 10.01 -8.13
N MET C 225 -19.92 9.11 -8.07
CA MET C 225 -19.81 8.00 -7.13
C MET C 225 -18.96 6.86 -7.69
N LEU C 226 -19.17 6.49 -8.95
CA LEU C 226 -18.52 5.31 -9.51
C LEU C 226 -17.41 5.66 -10.49
N GLY C 227 -16.97 6.92 -10.52
CA GLY C 227 -16.02 7.35 -11.52
C GLY C 227 -14.67 6.68 -11.37
N ASN C 228 -14.35 6.20 -10.17
CA ASN C 228 -13.11 5.49 -9.90
C ASN C 228 -13.24 3.98 -10.00
N THR C 229 -14.42 3.44 -10.28
CA THR C 229 -14.50 2.04 -10.63
C THR C 229 -14.06 1.85 -12.08
N VAL C 230 -13.75 0.60 -12.42
CA VAL C 230 -13.35 0.30 -13.79
C VAL C 230 -14.54 0.15 -14.72
N ASP C 231 -15.74 -0.11 -14.17
CA ASP C 231 -16.86 -0.57 -14.96
C ASP C 231 -18.14 0.20 -14.71
N GLY C 232 -18.14 1.14 -13.77
CA GLY C 232 -19.36 1.88 -13.48
C GLY C 232 -20.45 1.07 -12.82
N VAL C 233 -20.08 0.09 -12.00
CA VAL C 233 -21.06 -0.84 -11.40
C VAL C 233 -21.02 -0.69 -9.89
N PHE C 234 -22.19 -0.57 -9.27
CA PHE C 234 -22.25 -0.54 -7.81
C PHE C 234 -21.83 -1.88 -7.25
N THR C 235 -21.12 -1.85 -6.13
CA THR C 235 -20.94 -3.07 -5.33
C THR C 235 -22.29 -3.46 -4.77
N THR C 236 -22.57 -4.77 -4.71
CA THR C 236 -23.84 -5.23 -4.18
C THR C 236 -23.66 -5.80 -2.78
N VAL C 237 -24.79 -5.88 -2.05
CA VAL C 237 -24.74 -6.54 -0.74
C VAL C 237 -24.36 -8.01 -0.90
N GLN C 238 -24.69 -8.63 -2.05
CA GLN C 238 -24.27 -10.01 -2.30
C GLN C 238 -22.76 -10.11 -2.49
N ASP C 239 -22.15 -9.14 -3.20
CA ASP C 239 -20.69 -9.09 -3.33
C ASP C 239 -20.02 -9.16 -1.96
N VAL C 240 -20.49 -8.33 -1.03
CA VAL C 240 -19.86 -8.25 0.28
C VAL C 240 -20.11 -9.52 1.07
N ALA C 241 -21.35 -10.01 1.07
CA ALA C 241 -21.71 -11.18 1.87
C ALA C 241 -20.97 -12.42 1.39
N GLN C 242 -20.79 -12.57 0.07
CA GLN C 242 -20.07 -13.75 -0.40
C GLN C 242 -18.60 -13.71 -0.01
N THR C 243 -18.02 -12.52 0.03
CA THR C 243 -16.64 -12.39 0.52
C THR C 243 -16.55 -12.74 2.00
N VAL C 244 -17.52 -12.29 2.80
CA VAL C 244 -17.55 -12.64 4.22
C VAL C 244 -17.71 -14.14 4.41
N LEU C 245 -18.59 -14.77 3.62
CA LEU C 245 -18.76 -16.22 3.67
C LEU C 245 -17.45 -16.94 3.39
N PHE C 246 -16.75 -16.51 2.34
CA PHE C 246 -15.49 -17.14 1.95
C PHE C 246 -14.46 -17.03 3.06
N LEU C 247 -14.31 -15.83 3.62
CA LEU C 247 -13.41 -15.66 4.76
C LEU C 247 -13.83 -16.52 5.94
N SER C 248 -15.13 -16.58 6.22
CA SER C 248 -15.61 -17.24 7.44
C SER C 248 -15.38 -18.75 7.40
N ALA C 249 -15.48 -19.34 6.23
CA ALA C 249 -15.34 -20.78 6.10
C ALA C 249 -13.94 -21.21 5.71
N PHE C 250 -13.00 -20.29 5.56
CA PHE C 250 -11.70 -20.67 5.01
C PHE C 250 -11.02 -21.68 5.94
N PRO C 251 -10.46 -22.76 5.40
CA PRO C 251 -10.01 -23.87 6.28
C PRO C 251 -8.77 -23.57 7.11
N SER C 252 -7.97 -22.58 6.74
CA SER C 252 -6.79 -22.23 7.52
C SER C 252 -6.78 -20.75 7.80
N ALA C 253 -5.76 -20.32 8.54
CA ALA C 253 -5.54 -18.92 8.86
C ALA C 253 -4.74 -18.19 7.78
N ALA C 254 -4.66 -18.75 6.58
CA ALA C 254 -3.77 -18.17 5.57
C ALA C 254 -4.11 -16.72 5.23
N LEU C 255 -5.37 -16.30 5.37
CA LEU C 255 -5.76 -14.95 4.98
C LEU C 255 -5.80 -13.98 6.14
N THR C 256 -5.28 -14.36 7.32
CA THR C 256 -5.43 -13.51 8.49
C THR C 256 -4.67 -12.19 8.31
N GLY C 257 -5.26 -11.12 8.83
CA GLY C 257 -4.64 -9.81 8.80
C GLY C 257 -4.81 -9.04 7.51
N GLN C 258 -5.48 -9.60 6.51
CA GLN C 258 -5.60 -8.98 5.20
C GLN C 258 -6.90 -8.21 5.06
N SER C 259 -6.88 -7.19 4.20
CA SER C 259 -8.09 -6.51 3.79
C SER C 259 -8.43 -6.86 2.34
N PHE C 260 -9.73 -6.83 2.04
CA PHE C 260 -10.27 -7.29 0.77
C PHE C 260 -11.11 -6.17 0.17
N ILE C 261 -10.67 -5.63 -0.96
CA ILE C 261 -11.33 -4.48 -1.58
C ILE C 261 -12.35 -5.05 -2.54
N VAL C 262 -13.63 -4.79 -2.26
CA VAL C 262 -14.75 -5.30 -3.02
C VAL C 262 -15.42 -4.09 -3.64
N SER C 263 -14.78 -3.48 -4.65
CA SER C 263 -15.18 -2.15 -5.10
C SER C 263 -15.21 -1.99 -6.61
N HIS C 264 -15.14 -3.08 -7.37
CA HIS C 264 -15.10 -2.99 -8.85
C HIS C 264 -13.95 -2.11 -9.31
N GLY C 265 -12.80 -2.29 -8.65
CA GLY C 265 -11.59 -1.67 -9.16
C GLY C 265 -11.30 -0.29 -8.66
N TRP C 266 -12.10 0.22 -7.71
CA TRP C 266 -11.81 1.50 -7.06
C TRP C 266 -10.81 1.22 -5.95
N PHE C 267 -9.57 1.66 -6.16
CA PHE C 267 -8.37 1.42 -5.34
C PHE C 267 -7.92 -0.02 -5.51
N MET C 268 -6.73 -0.22 -6.04
CA MET C 268 -6.25 -1.56 -6.28
C MET C 268 -4.99 -1.80 -5.43
N GLN C 269 -5.03 -2.86 -4.64
CA GLN C 269 -3.82 -3.28 -3.97
C GLN C 269 -3.60 -4.76 -4.28
N ASN D 11 -18.81 -23.24 -8.72
CA ASN D 11 -19.43 -23.92 -9.86
C ASN D 11 -18.88 -23.42 -11.18
N LEU D 12 -17.98 -24.21 -11.77
CA LEU D 12 -17.34 -23.85 -13.03
C LEU D 12 -17.71 -24.80 -14.15
N ASN D 13 -18.84 -25.49 -14.02
CA ASN D 13 -19.31 -26.37 -15.09
C ASN D 13 -19.49 -25.58 -16.38
N GLY D 14 -18.98 -26.14 -17.48
CA GLY D 14 -19.05 -25.46 -18.76
C GLY D 14 -18.00 -24.40 -18.98
N LYS D 15 -17.20 -24.07 -17.97
CA LYS D 15 -16.09 -23.17 -18.15
C LYS D 15 -14.85 -23.94 -18.59
N THR D 16 -13.93 -23.22 -19.21
CA THR D 16 -12.66 -23.77 -19.67
C THR D 16 -11.55 -22.97 -19.01
N ALA D 17 -10.49 -23.67 -18.61
CA ALA D 17 -9.36 -23.05 -17.92
C ALA D 17 -8.06 -23.51 -18.52
N VAL D 18 -7.06 -22.61 -18.53
CA VAL D 18 -5.68 -22.97 -18.86
CA VAL D 18 -5.68 -22.95 -18.87
C VAL D 18 -4.82 -22.55 -17.68
N VAL D 19 -3.98 -23.47 -17.20
CA VAL D 19 -3.06 -23.21 -16.09
C VAL D 19 -1.64 -23.46 -16.58
N THR D 20 -0.80 -22.43 -16.61
CA THR D 20 0.58 -22.65 -17.02
C THR D 20 1.40 -23.12 -15.83
N GLY D 21 2.47 -23.86 -16.11
CA GLY D 21 3.23 -24.43 -15.02
C GLY D 21 2.52 -25.49 -14.21
N ALA D 22 1.49 -26.13 -14.76
CA ALA D 22 0.64 -27.00 -13.94
C ALA D 22 1.08 -28.44 -13.93
N ALA D 23 2.25 -28.78 -14.48
CA ALA D 23 2.75 -30.13 -14.32
C ALA D 23 3.19 -30.42 -12.88
N SER D 24 3.35 -29.41 -12.04
CA SER D 24 3.94 -29.57 -10.72
CA SER D 24 3.90 -29.62 -10.71
C SER D 24 3.36 -28.56 -9.75
N GLY D 25 3.53 -28.85 -8.46
CA GLY D 25 3.34 -27.87 -7.40
C GLY D 25 2.00 -27.18 -7.36
N ILE D 26 2.06 -25.86 -7.16
CA ILE D 26 0.87 -25.03 -7.00
C ILE D 26 -0.02 -25.10 -8.23
N GLY D 27 0.58 -24.95 -9.42
CA GLY D 27 -0.19 -25.04 -10.64
C GLY D 27 -0.94 -26.36 -10.79
N LYS D 28 -0.30 -27.47 -10.40
CA LYS D 28 -0.95 -28.76 -10.51
C LYS D 28 -2.19 -28.83 -9.60
N GLU D 29 -2.05 -28.40 -8.34
CA GLU D 29 -3.21 -28.44 -7.45
C GLU D 29 -4.33 -27.55 -7.97
N ILE D 30 -3.99 -26.39 -8.50
CA ILE D 30 -4.99 -25.51 -9.08
C ILE D 30 -5.74 -26.23 -10.19
N ALA D 31 -5.00 -26.88 -11.11
CA ALA D 31 -5.64 -27.61 -12.19
C ALA D 31 -6.56 -28.70 -11.66
N LEU D 32 -6.08 -29.47 -10.68
CA LEU D 32 -6.89 -30.56 -10.15
C LEU D 32 -8.19 -30.03 -9.55
N GLU D 33 -8.13 -28.89 -8.85
CA GLU D 33 -9.31 -28.37 -8.16
C GLU D 33 -10.27 -27.67 -9.12
N LEU D 34 -9.74 -26.96 -10.12
CA LEU D 34 -10.59 -26.45 -11.19
C LEU D 34 -11.32 -27.58 -11.89
N ALA D 35 -10.62 -28.69 -12.19
CA ALA D 35 -11.28 -29.83 -12.80
C ALA D 35 -12.35 -30.42 -11.88
N LYS D 36 -12.02 -30.57 -10.60
CA LYS D 36 -13.00 -31.11 -9.65
C LYS D 36 -14.23 -30.22 -9.53
N ALA D 37 -14.10 -28.92 -9.82
CA ALA D 37 -15.23 -28.01 -9.82
C ALA D 37 -16.00 -27.99 -11.14
N GLY D 38 -15.57 -28.77 -12.13
CA GLY D 38 -16.33 -28.94 -13.36
C GLY D 38 -15.80 -28.19 -14.57
N ALA D 39 -14.66 -27.51 -14.47
CA ALA D 39 -14.08 -26.86 -15.64
C ALA D 39 -13.25 -27.86 -16.45
N ALA D 40 -13.21 -27.65 -17.76
CA ALA D 40 -12.23 -28.33 -18.61
C ALA D 40 -10.92 -27.58 -18.50
N VAL D 41 -9.81 -28.32 -18.33
CA VAL D 41 -8.55 -27.75 -17.90
C VAL D 41 -7.44 -28.14 -18.87
N ALA D 42 -6.75 -27.16 -19.41
CA ALA D 42 -5.55 -27.39 -20.20
C ALA D 42 -4.35 -27.19 -19.28
N ILE D 43 -3.51 -28.21 -19.18
CA ILE D 43 -2.27 -28.13 -18.39
CA ILE D 43 -2.27 -28.18 -18.40
C ILE D 43 -1.16 -27.75 -19.34
N ALA D 44 -0.74 -26.49 -19.25
CA ALA D 44 0.27 -25.94 -20.13
C ALA D 44 1.61 -25.91 -19.40
N ASP D 45 2.62 -26.55 -19.97
CA ASP D 45 3.87 -26.63 -19.24
C ASP D 45 4.99 -26.89 -20.23
N LEU D 46 6.18 -26.42 -19.87
CA LEU D 46 7.38 -26.80 -20.60
C LEU D 46 7.59 -28.30 -20.54
N ASN D 47 7.27 -28.90 -19.40
CA ASN D 47 7.44 -30.33 -19.14
C ASN D 47 6.21 -31.05 -19.71
N GLN D 48 6.32 -31.51 -20.95
CA GLN D 48 5.16 -32.12 -21.60
C GLN D 48 4.79 -33.45 -20.94
N ASP D 49 5.79 -34.26 -20.56
CA ASP D 49 5.51 -35.48 -19.81
C ASP D 49 4.62 -35.19 -18.61
N GLY D 50 5.05 -34.24 -17.77
CA GLY D 50 4.31 -33.93 -16.56
C GLY D 50 2.95 -33.34 -16.85
N ALA D 51 2.84 -32.56 -17.92
CA ALA D 51 1.54 -31.97 -18.25
C ALA D 51 0.55 -33.06 -18.66
N ASN D 52 0.98 -33.98 -19.54
CA ASN D 52 0.13 -35.11 -19.90
C ASN D 52 -0.24 -35.93 -18.68
N ALA D 53 0.67 -36.06 -17.72
CA ALA D 53 0.39 -36.88 -16.54
C ALA D 53 -0.74 -36.29 -15.71
N VAL D 54 -0.72 -34.96 -15.50
CA VAL D 54 -1.79 -34.31 -14.75
C VAL D 54 -3.09 -34.40 -15.51
N ALA D 55 -3.05 -34.17 -16.83
CA ALA D 55 -4.25 -34.30 -17.64
C ALA D 55 -4.82 -35.71 -17.51
N ASP D 56 -3.97 -36.73 -17.58
CA ASP D 56 -4.46 -38.10 -17.48
C ASP D 56 -5.05 -38.37 -16.11
N GLU D 57 -4.45 -37.81 -15.06
CA GLU D 57 -5.04 -37.92 -13.72
C GLU D 57 -6.45 -37.37 -13.72
N ILE D 58 -6.65 -36.21 -14.36
CA ILE D 58 -7.97 -35.58 -14.40
C ILE D 58 -8.94 -36.42 -15.22
N ASN D 59 -8.50 -36.89 -16.39
CA ASN D 59 -9.41 -37.65 -17.26
C ASN D 59 -9.81 -38.98 -16.63
N LYS D 60 -8.89 -39.62 -15.90
CA LYS D 60 -9.21 -40.89 -15.26
C LYS D 60 -10.21 -40.73 -14.13
N ALA D 61 -10.22 -39.55 -13.51
CA ALA D 61 -11.14 -39.24 -12.43
C ALA D 61 -12.50 -38.78 -12.93
N GLY D 62 -12.71 -38.70 -14.25
CA GLY D 62 -13.98 -38.29 -14.82
C GLY D 62 -14.06 -36.85 -15.29
N GLY D 63 -12.99 -36.09 -15.21
CA GLY D 63 -12.98 -34.73 -15.72
C GLY D 63 -12.57 -34.71 -17.19
N LYS D 64 -12.35 -33.49 -17.69
CA LYS D 64 -11.85 -33.26 -19.04
C LYS D 64 -10.61 -32.40 -18.95
N ALA D 65 -9.49 -32.91 -19.51
CA ALA D 65 -8.24 -32.15 -19.51
C ALA D 65 -7.39 -32.53 -20.71
N ILE D 66 -6.53 -31.60 -21.11
CA ILE D 66 -5.53 -31.84 -22.13
C ILE D 66 -4.19 -31.32 -21.62
N GLY D 67 -3.11 -31.97 -22.05
CA GLY D 67 -1.78 -31.45 -21.82
C GLY D 67 -1.34 -30.63 -23.03
N VAL D 68 -0.70 -29.51 -22.76
CA VAL D 68 -0.22 -28.61 -23.81
C VAL D 68 1.25 -28.31 -23.56
N ALA D 69 2.10 -28.73 -24.49
CA ALA D 69 3.50 -28.33 -24.45
C ALA D 69 3.58 -26.85 -24.74
N MET D 70 4.11 -26.06 -23.81
CA MET D 70 4.13 -24.63 -24.02
C MET D 70 5.31 -24.02 -23.28
N ASP D 71 6.23 -23.45 -24.02
CA ASP D 71 7.24 -22.56 -23.45
C ASP D 71 6.64 -21.15 -23.36
N VAL D 72 6.32 -20.71 -22.15
CA VAL D 72 5.61 -19.44 -21.96
C VAL D 72 6.47 -18.21 -22.32
N THR D 73 7.77 -18.39 -22.51
CA THR D 73 8.60 -17.28 -22.99
C THR D 73 8.49 -17.09 -24.49
N ASN D 74 7.91 -18.04 -25.21
CA ASN D 74 7.93 -18.04 -26.66
C ASN D 74 6.56 -17.65 -27.23
N GLU D 75 6.53 -16.55 -27.97
CA GLU D 75 5.27 -16.01 -28.46
C GLU D 75 4.53 -17.02 -29.32
N GLU D 76 5.24 -17.65 -30.27
CA GLU D 76 4.58 -18.63 -31.13
C GLU D 76 4.02 -19.80 -30.33
N ALA D 77 4.80 -20.32 -29.38
CA ALA D 77 4.35 -21.45 -28.58
C ALA D 77 3.12 -21.10 -27.75
N VAL D 78 3.08 -19.89 -27.20
CA VAL D 78 1.94 -19.46 -26.40
C VAL D 78 0.70 -19.30 -27.28
N ASN D 79 0.86 -18.62 -28.42
CA ASN D 79 -0.28 -18.39 -29.30
C ASN D 79 -0.86 -19.72 -29.79
N THR D 80 0.00 -20.61 -30.26
CA THR D 80 -0.45 -21.91 -30.75
C THR D 80 -1.12 -22.72 -29.64
N GLY D 81 -0.51 -22.74 -28.45
CA GLY D 81 -1.08 -23.47 -27.34
C GLY D 81 -2.46 -22.97 -26.93
N ILE D 82 -2.62 -21.65 -26.81
CA ILE D 82 -3.91 -21.10 -26.38
C ILE D 82 -4.97 -21.34 -27.45
N ASP D 83 -4.60 -21.17 -28.72
CA ASP D 83 -5.54 -21.48 -29.80
C ASP D 83 -5.94 -22.95 -29.77
N LYS D 84 -5.00 -23.84 -29.40
CA LYS D 84 -5.34 -25.25 -29.29
C LYS D 84 -6.39 -25.49 -28.20
N VAL D 85 -6.29 -24.77 -27.07
CA VAL D 85 -7.28 -24.91 -26.00
C VAL D 85 -8.65 -24.48 -26.49
N ALA D 86 -8.72 -23.29 -27.12
CA ALA D 86 -9.98 -22.82 -27.67
C ALA D 86 -10.53 -23.79 -28.69
N GLU D 87 -9.66 -24.38 -29.51
CA GLU D 87 -10.10 -25.38 -30.47
C GLU D 87 -10.66 -26.60 -29.76
N ALA D 88 -9.92 -27.11 -28.77
CA ALA D 88 -10.34 -28.35 -28.10
C ALA D 88 -11.64 -28.14 -27.32
N PHE D 89 -11.76 -27.02 -26.61
CA PHE D 89 -12.78 -26.85 -25.60
C PHE D 89 -13.85 -25.83 -25.97
N GLY D 90 -13.63 -24.99 -26.98
CA GLY D 90 -14.60 -24.03 -27.42
C GLY D 90 -14.40 -22.62 -26.89
N SER D 91 -13.62 -22.46 -25.82
CA SER D 91 -13.41 -21.15 -25.23
C SER D 91 -12.16 -21.21 -24.35
N VAL D 92 -11.72 -20.04 -23.91
CA VAL D 92 -10.69 -19.91 -22.87
C VAL D 92 -11.28 -18.96 -21.82
N ASP D 93 -11.93 -19.51 -20.80
CA ASP D 93 -12.63 -18.64 -19.86
C ASP D 93 -11.81 -18.23 -18.65
N ILE D 94 -10.82 -19.04 -18.26
CA ILE D 94 -9.98 -18.78 -17.10
C ILE D 94 -8.54 -18.98 -17.51
N LEU D 95 -7.69 -17.98 -17.26
CA LEU D 95 -6.26 -18.10 -17.44
C LEU D 95 -5.60 -17.96 -16.07
N VAL D 96 -4.82 -18.96 -15.69
CA VAL D 96 -3.96 -18.87 -14.51
C VAL D 96 -2.52 -18.90 -15.01
N SER D 97 -1.84 -17.75 -14.89
CA SER D 97 -0.45 -17.60 -15.33
C SER D 97 0.44 -17.91 -14.13
N ASN D 98 1.04 -19.10 -14.12
CA ASN D 98 1.64 -19.64 -12.90
C ASN D 98 3.07 -20.13 -13.06
N ALA D 99 3.51 -20.52 -14.26
CA ALA D 99 4.84 -21.08 -14.43
C ALA D 99 5.90 -20.17 -13.81
N GLY D 100 6.85 -20.77 -13.11
CA GLY D 100 7.91 -19.95 -12.52
C GLY D 100 9.17 -20.74 -12.26
N ILE D 101 10.19 -19.98 -11.87
CA ILE D 101 11.49 -20.55 -11.50
CA ILE D 101 11.54 -20.48 -11.59
C ILE D 101 12.15 -19.55 -10.57
N GLN D 102 13.12 -20.03 -9.80
CA GLN D 102 13.83 -19.16 -8.88
C GLN D 102 15.33 -19.28 -9.12
N ILE D 103 16.03 -18.14 -9.18
CA ILE D 103 17.49 -18.13 -9.34
C ILE D 103 18.03 -17.05 -8.43
N VAL D 104 18.85 -17.44 -7.45
CA VAL D 104 19.31 -16.50 -6.43
C VAL D 104 20.77 -16.10 -6.69
N ASN D 105 21.08 -14.86 -6.31
CA ASN D 105 22.42 -14.28 -6.37
C ASN D 105 22.30 -12.82 -5.93
N PRO D 106 23.32 -12.26 -5.29
CA PRO D 106 23.31 -10.81 -5.03
C PRO D 106 23.35 -10.02 -6.33
N ILE D 107 22.80 -8.81 -6.26
CA ILE D 107 22.64 -8.01 -7.47
C ILE D 107 23.98 -7.82 -8.18
N GLU D 108 25.05 -7.55 -7.42
CA GLU D 108 26.29 -7.18 -8.12
C GLU D 108 26.90 -8.38 -8.82
N ASN D 109 26.51 -9.60 -8.47
CA ASN D 109 27.02 -10.80 -9.10
C ASN D 109 26.01 -11.45 -10.02
N TYR D 110 24.79 -10.91 -10.08
CA TYR D 110 23.70 -11.55 -10.81
C TYR D 110 23.99 -11.62 -12.32
N SER D 111 23.72 -12.79 -12.89
CA SER D 111 23.89 -13.00 -14.34
C SER D 111 22.77 -12.31 -15.11
N PHE D 112 23.14 -11.46 -16.07
CA PHE D 112 22.12 -10.88 -16.94
C PHE D 112 21.38 -11.97 -17.73
N ALA D 113 22.08 -13.05 -18.12
CA ALA D 113 21.40 -14.19 -18.75
C ALA D 113 20.32 -14.75 -17.83
N ASP D 114 20.64 -14.93 -16.54
CA ASP D 114 19.59 -15.36 -15.59
C ASP D 114 18.51 -14.30 -15.44
N TRP D 115 18.92 -13.03 -15.36
CA TRP D 115 17.95 -11.94 -15.23
C TRP D 115 16.94 -12.00 -16.36
N LYS D 116 17.42 -12.16 -17.60
CA LYS D 116 16.51 -12.16 -18.74
C LYS D 116 15.62 -13.39 -18.73
N LYS D 117 16.15 -14.55 -18.32
CA LYS D 117 15.34 -15.75 -18.22
C LYS D 117 14.24 -15.56 -17.19
N MET D 118 14.57 -14.97 -16.04
CA MET D 118 13.57 -14.75 -14.99
C MET D 118 12.47 -13.82 -15.47
N GLN D 119 12.85 -12.69 -16.09
CA GLN D 119 11.81 -11.80 -16.60
CA GLN D 119 11.87 -11.77 -16.67
C GLN D 119 11.01 -12.46 -17.72
N ALA D 120 11.65 -13.25 -18.58
CA ALA D 120 10.93 -13.90 -19.67
C ALA D 120 9.87 -14.86 -19.14
N ILE D 121 10.21 -15.69 -18.15
CA ILE D 121 9.26 -16.69 -17.68
C ILE D 121 8.15 -16.02 -16.86
N HIS D 122 8.51 -15.20 -15.87
CA HIS D 122 7.51 -14.65 -14.97
C HIS D 122 6.68 -13.55 -15.65
N VAL D 123 7.35 -12.61 -16.30
CA VAL D 123 6.70 -11.40 -16.81
C VAL D 123 6.27 -11.58 -18.26
N ASP D 124 7.19 -11.96 -19.15
CA ASP D 124 6.77 -12.18 -20.54
C ASP D 124 5.72 -13.28 -20.63
N GLY D 125 5.85 -14.35 -19.83
CA GLY D 125 4.84 -15.40 -19.87
C GLY D 125 3.44 -14.90 -19.52
N ALA D 126 3.35 -14.05 -18.49
CA ALA D 126 2.07 -13.44 -18.14
C ALA D 126 1.55 -12.57 -19.28
N PHE D 127 2.43 -11.74 -19.85
CA PHE D 127 2.00 -10.88 -20.95
C PHE D 127 1.53 -11.68 -22.16
N LEU D 128 2.33 -12.67 -22.59
CA LEU D 128 1.97 -13.40 -23.80
C LEU D 128 0.72 -14.24 -23.61
N THR D 129 0.61 -14.94 -22.47
CA THR D 129 -0.60 -15.76 -22.28
C THR D 129 -1.83 -14.87 -22.12
N THR D 130 -1.68 -13.72 -21.44
CA THR D 130 -2.81 -12.79 -21.34
C THR D 130 -3.25 -12.32 -22.72
N LYS D 131 -2.29 -11.87 -23.54
CA LYS D 131 -2.64 -11.31 -24.84
C LYS D 131 -3.34 -12.34 -25.71
N ALA D 132 -2.84 -13.58 -25.69
CA ALA D 132 -3.46 -14.63 -26.48
C ALA D 132 -4.85 -14.98 -25.95
N ALA D 133 -5.03 -14.97 -24.64
CA ALA D 133 -6.33 -15.32 -24.07
C ALA D 133 -7.35 -14.24 -24.36
N LEU D 134 -6.92 -12.97 -24.40
CA LEU D 134 -7.88 -11.90 -24.61
C LEU D 134 -8.50 -11.96 -25.99
N LYS D 135 -7.74 -12.47 -26.97
CA LYS D 135 -8.29 -12.64 -28.31
C LYS D 135 -9.57 -13.46 -28.26
N HIS D 136 -9.63 -14.42 -27.34
CA HIS D 136 -10.81 -15.26 -27.17
C HIS D 136 -11.82 -14.67 -26.18
N MET D 137 -11.36 -14.15 -25.05
CA MET D 137 -12.26 -13.62 -24.04
C MET D 137 -13.00 -12.38 -24.53
N TYR D 138 -12.35 -11.55 -25.36
CA TYR D 138 -12.98 -10.32 -25.81
C TYR D 138 -14.04 -10.57 -26.88
N LYS D 139 -13.99 -11.73 -27.52
CA LYS D 139 -14.91 -12.03 -28.61
C LYS D 139 -16.35 -12.00 -28.09
N ASP D 140 -17.17 -11.13 -28.68
CA ASP D 140 -18.55 -10.92 -28.26
C ASP D 140 -18.66 -10.61 -26.77
N ASP D 141 -17.59 -10.10 -26.16
CA ASP D 141 -17.55 -9.76 -24.74
C ASP D 141 -17.98 -10.95 -23.87
N ARG D 142 -17.61 -12.16 -24.32
CA ARG D 142 -17.87 -13.35 -23.53
C ARG D 142 -17.29 -13.20 -22.12
N GLY D 143 -16.10 -12.62 -22.01
CA GLY D 143 -15.51 -12.35 -20.70
C GLY D 143 -14.53 -13.42 -20.28
N GLY D 144 -13.95 -13.21 -19.11
CA GLY D 144 -12.96 -14.16 -18.62
C GLY D 144 -12.39 -13.71 -17.30
N VAL D 145 -11.64 -14.62 -16.67
CA VAL D 145 -10.92 -14.33 -15.43
C VAL D 145 -9.44 -14.63 -15.69
N VAL D 146 -8.58 -13.64 -15.46
CA VAL D 146 -7.14 -13.80 -15.61
C VAL D 146 -6.49 -13.65 -14.23
N ILE D 147 -5.76 -14.68 -13.80
CA ILE D 147 -5.15 -14.70 -12.47
C ILE D 147 -3.65 -14.90 -12.64
N TYR D 148 -2.86 -14.00 -12.08
CA TYR D 148 -1.41 -14.18 -12.11
C TYR D 148 -0.98 -14.75 -10.76
N MET D 149 -0.05 -15.68 -10.79
CA MET D 149 0.57 -16.18 -9.57
C MET D 149 1.71 -15.24 -9.19
N GLY D 150 1.46 -14.42 -8.17
CA GLY D 150 2.52 -13.59 -7.65
C GLY D 150 3.17 -14.27 -6.46
N SER D 151 3.42 -13.50 -5.41
CA SER D 151 4.12 -14.00 -4.23
C SER D 151 3.97 -12.90 -3.18
N VAL D 152 4.29 -13.24 -1.93
CA VAL D 152 4.53 -12.14 -0.98
C VAL D 152 5.64 -11.25 -1.53
N HIS D 153 6.53 -11.83 -2.36
CA HIS D 153 7.57 -11.03 -2.99
C HIS D 153 7.06 -10.16 -4.14
N SER D 154 5.75 -10.16 -4.41
CA SER D 154 5.14 -9.09 -5.20
C SER D 154 5.06 -7.79 -4.42
N HIS D 155 5.16 -7.87 -3.08
CA HIS D 155 4.90 -6.77 -2.17
C HIS D 155 6.05 -6.44 -1.24
N GLU D 156 7.01 -7.36 -1.05
CA GLU D 156 8.06 -7.25 -0.06
C GLU D 156 9.32 -7.92 -0.61
N ALA D 157 10.49 -7.43 -0.21
CA ALA D 157 11.74 -7.93 -0.76
C ALA D 157 12.41 -8.92 0.20
N SER D 158 13.26 -9.77 -0.38
CA SER D 158 14.24 -10.56 0.36
C SER D 158 15.58 -10.42 -0.36
N PRO D 159 16.68 -10.47 0.37
CA PRO D 159 17.99 -10.41 -0.31
C PRO D 159 18.20 -11.64 -1.17
N LEU D 160 19.01 -11.45 -2.23
CA LEU D 160 19.45 -12.48 -3.17
C LEU D 160 18.36 -12.78 -4.19
N LYS D 161 17.21 -12.10 -4.16
CA LYS D 161 16.11 -12.46 -5.03
C LYS D 161 15.68 -11.29 -5.91
N SER D 162 16.65 -10.45 -6.29
CA SER D 162 16.30 -9.25 -7.06
C SER D 162 15.47 -9.60 -8.30
N ALA D 163 15.91 -10.59 -9.09
CA ALA D 163 15.19 -10.89 -10.33
C ALA D 163 13.76 -11.32 -10.04
N TYR D 164 13.60 -12.23 -9.09
CA TYR D 164 12.28 -12.76 -8.76
C TYR D 164 11.38 -11.67 -8.18
N VAL D 165 11.91 -10.88 -7.23
CA VAL D 165 11.09 -9.86 -6.59
C VAL D 165 10.67 -8.82 -7.60
N THR D 166 11.60 -8.44 -8.50
CA THR D 166 11.28 -7.47 -9.54
C THR D 166 10.15 -7.98 -10.44
N ALA D 167 10.24 -9.25 -10.86
CA ALA D 167 9.22 -9.83 -11.74
C ALA D 167 7.86 -9.88 -11.05
N LYS D 168 7.84 -10.34 -9.79
CA LYS D 168 6.58 -10.49 -9.07
C LYS D 168 5.94 -9.14 -8.75
N HIS D 169 6.75 -8.12 -8.45
CA HIS D 169 6.21 -6.75 -8.34
C HIS D 169 5.63 -6.29 -9.66
N GLY D 170 6.33 -6.56 -10.77
CA GLY D 170 5.82 -6.16 -12.07
C GLY D 170 4.48 -6.77 -12.41
N LEU D 171 4.23 -8.02 -11.99
CA LEU D 171 2.94 -8.65 -12.28
C LEU D 171 1.77 -7.87 -11.70
N LEU D 172 1.96 -7.21 -10.55
CA LEU D 172 0.87 -6.38 -10.02
C LEU D 172 0.50 -5.28 -11.02
N GLY D 173 1.51 -4.64 -11.61
CA GLY D 173 1.26 -3.59 -12.59
C GLY D 173 0.45 -4.08 -13.77
N LEU D 174 0.83 -5.25 -14.30
CA LEU D 174 0.15 -5.79 -15.47
C LEU D 174 -1.30 -6.11 -15.13
N ALA D 175 -1.52 -6.77 -14.00
CA ALA D 175 -2.88 -7.09 -13.55
C ALA D 175 -3.72 -5.84 -13.39
N ARG D 176 -3.13 -4.77 -12.85
CA ARG D 176 -3.91 -3.57 -12.60
C ARG D 176 -4.31 -2.90 -13.90
N VAL D 177 -3.41 -2.90 -14.90
CA VAL D 177 -3.81 -2.40 -16.21
C VAL D 177 -4.90 -3.27 -16.83
N LEU D 178 -4.75 -4.60 -16.76
CA LEU D 178 -5.76 -5.47 -17.34
C LEU D 178 -7.13 -5.25 -16.70
N ALA D 179 -7.17 -5.00 -15.39
CA ALA D 179 -8.47 -4.73 -14.77
C ALA D 179 -9.16 -3.52 -15.38
N LYS D 180 -8.39 -2.47 -15.69
CA LYS D 180 -8.99 -1.28 -16.30
C LYS D 180 -9.40 -1.54 -17.76
N GLU D 181 -8.52 -2.17 -18.53
CA GLU D 181 -8.82 -2.38 -19.95
C GLU D 181 -9.88 -3.45 -20.14
N GLY D 182 -9.83 -4.51 -19.32
CA GLY D 182 -10.68 -5.65 -19.60
C GLY D 182 -12.13 -5.47 -19.19
N ALA D 183 -12.40 -4.48 -18.33
CA ALA D 183 -13.72 -4.36 -17.72
C ALA D 183 -14.81 -4.26 -18.78
N LYS D 184 -14.58 -3.45 -19.82
CA LYS D 184 -15.58 -3.27 -20.88
C LYS D 184 -15.85 -4.56 -21.65
N HIS D 185 -15.01 -5.57 -21.50
CA HIS D 185 -15.21 -6.85 -22.18
C HIS D 185 -15.56 -7.97 -21.22
N ASN D 186 -15.88 -7.65 -19.96
CA ASN D 186 -16.22 -8.62 -18.93
C ASN D 186 -15.03 -9.50 -18.54
N VAL D 187 -13.82 -8.95 -18.58
CA VAL D 187 -12.62 -9.69 -18.20
C VAL D 187 -12.13 -9.09 -16.88
N ARG D 188 -11.97 -9.95 -15.88
CA ARG D 188 -11.47 -9.59 -14.55
C ARG D 188 -10.01 -10.01 -14.46
N SER D 189 -9.24 -9.31 -13.62
CA SER D 189 -7.87 -9.70 -13.34
C SER D 189 -7.66 -9.79 -11.83
N HIS D 190 -6.80 -10.73 -11.43
CA HIS D 190 -6.39 -10.80 -10.04
C HIS D 190 -4.96 -11.29 -9.96
N VAL D 191 -4.34 -11.06 -8.79
CA VAL D 191 -3.03 -11.64 -8.49
C VAL D 191 -3.15 -12.38 -7.17
N VAL D 192 -2.81 -13.65 -7.16
CA VAL D 192 -2.80 -14.43 -5.93
C VAL D 192 -1.35 -14.54 -5.47
N CYS D 193 -1.12 -14.24 -4.19
CA CYS D 193 0.23 -14.07 -3.65
C CYS D 193 0.43 -15.07 -2.52
N PRO D 194 0.86 -16.29 -2.81
CA PRO D 194 1.12 -17.25 -1.73
C PRO D 194 2.33 -16.84 -0.90
N GLY D 195 2.29 -17.23 0.38
CA GLY D 195 3.46 -17.21 1.23
C GLY D 195 4.29 -18.45 0.95
N PHE D 196 5.05 -18.87 1.96
CA PHE D 196 5.97 -20.01 1.83
C PHE D 196 5.16 -21.30 1.77
N VAL D 197 5.20 -22.00 0.64
CA VAL D 197 4.48 -23.26 0.46
C VAL D 197 5.44 -24.42 0.71
N ARG D 198 5.05 -25.34 1.59
CA ARG D 198 5.88 -26.49 1.90
C ARG D 198 5.89 -27.44 0.71
N THR D 199 7.07 -27.66 0.16
CA THR D 199 7.20 -28.55 -0.98
C THR D 199 8.14 -29.68 -0.59
N PRO D 200 8.28 -30.73 -1.42
CA PRO D 200 9.27 -31.76 -1.11
C PRO D 200 10.68 -31.22 -0.92
N LEU D 201 11.07 -30.20 -1.68
CA LEU D 201 12.39 -29.60 -1.50
C LEU D 201 12.52 -29.01 -0.10
N VAL D 202 11.49 -28.31 0.37
CA VAL D 202 11.49 -27.76 1.72
C VAL D 202 11.65 -28.88 2.75
N ASP D 203 10.99 -30.02 2.53
CA ASP D 203 11.03 -31.12 3.50
C ASP D 203 12.43 -31.69 3.69
N LYS D 204 13.34 -31.52 2.73
CA LYS D 204 14.71 -31.97 2.87
C LYS D 204 15.65 -30.86 3.32
N GLN D 205 15.16 -29.63 3.45
CA GLN D 205 15.96 -28.54 4.00
C GLN D 205 15.82 -28.40 5.50
N ILE D 206 14.64 -28.75 6.05
CA ILE D 206 14.43 -28.62 7.48
C ILE D 206 15.42 -29.44 8.30
N PRO D 207 15.69 -30.71 7.97
CA PRO D 207 16.80 -31.39 8.66
C PRO D 207 18.18 -30.90 8.25
N GLU D 208 18.31 -30.24 7.09
CA GLU D 208 19.61 -29.70 6.69
C GLU D 208 19.97 -28.47 7.53
N GLN D 209 19.02 -27.56 7.72
CA GLN D 209 19.22 -26.40 8.57
C GLN D 209 19.31 -26.80 10.03
N GLU D 218 12.04 -28.30 13.98
CA GLU D 218 10.90 -27.48 14.36
C GLU D 218 11.39 -26.13 14.88
N GLU D 219 12.62 -25.78 14.53
CA GLU D 219 13.18 -24.45 14.79
C GLU D 219 13.39 -23.66 13.51
N VAL D 220 14.09 -24.23 12.53
CA VAL D 220 14.20 -23.61 11.21
C VAL D 220 12.82 -23.31 10.63
N ILE D 221 11.83 -24.14 10.97
CA ILE D 221 10.47 -23.95 10.48
C ILE D 221 9.91 -22.63 10.99
N LYS D 222 9.79 -22.50 12.32
CA LYS D 222 9.12 -21.35 12.89
C LYS D 222 9.97 -20.08 12.89
N LYS D 223 11.28 -20.18 12.65
CA LYS D 223 12.18 -19.04 12.73
C LYS D 223 12.76 -18.67 11.37
N VAL D 224 13.58 -19.53 10.77
CA VAL D 224 14.22 -19.18 9.51
C VAL D 224 13.18 -19.07 8.39
N MET D 225 12.30 -20.07 8.28
CA MET D 225 11.37 -20.12 7.16
C MET D 225 10.12 -19.30 7.44
N LEU D 226 9.45 -19.56 8.55
CA LEU D 226 8.14 -18.97 8.83
C LEU D 226 8.19 -17.92 9.93
N GLY D 227 9.37 -17.39 10.24
CA GLY D 227 9.47 -16.38 11.28
C GLY D 227 8.65 -15.14 10.98
N ASN D 228 8.37 -14.88 9.72
CA ASN D 228 7.60 -13.69 9.38
C ASN D 228 6.10 -13.95 9.25
N THR D 229 5.65 -15.18 9.47
CA THR D 229 4.22 -15.46 9.63
C THR D 229 3.78 -15.20 11.07
N VAL D 230 2.46 -15.11 11.27
CA VAL D 230 1.97 -14.89 12.64
C VAL D 230 1.85 -16.18 13.43
N ASP D 231 1.84 -17.34 12.76
CA ASP D 231 1.49 -18.59 13.41
C ASP D 231 2.49 -19.71 13.17
N GLY D 232 3.51 -19.49 12.33
CA GLY D 232 4.46 -20.55 12.03
C GLY D 232 3.87 -21.66 11.20
N VAL D 233 2.90 -21.38 10.34
CA VAL D 233 2.23 -22.41 9.56
C VAL D 233 2.56 -22.22 8.08
N PHE D 234 2.91 -23.31 7.39
CA PHE D 234 3.14 -23.22 5.96
C PHE D 234 1.83 -22.98 5.21
N THR D 235 1.90 -22.13 4.18
CA THR D 235 0.81 -22.06 3.22
C THR D 235 0.71 -23.36 2.44
N THR D 236 -0.51 -23.83 2.19
CA THR D 236 -0.66 -25.08 1.44
C THR D 236 -1.09 -24.80 0.00
N VAL D 237 -0.84 -25.79 -0.87
CA VAL D 237 -1.33 -25.69 -2.24
C VAL D 237 -2.86 -25.63 -2.25
N GLN D 238 -3.50 -26.25 -1.25
CA GLN D 238 -4.96 -26.14 -1.12
C GLN D 238 -5.39 -24.72 -0.80
N ASP D 239 -4.69 -24.05 0.13
CA ASP D 239 -4.96 -22.63 0.39
C ASP D 239 -5.01 -21.84 -0.92
N VAL D 240 -3.98 -22.04 -1.76
CA VAL D 240 -3.85 -21.24 -2.98
C VAL D 240 -4.98 -21.59 -3.95
N ALA D 241 -5.21 -22.88 -4.15
CA ALA D 241 -6.20 -23.32 -5.13
C ALA D 241 -7.60 -22.91 -4.71
N GLN D 242 -7.91 -22.97 -3.40
CA GLN D 242 -9.22 -22.55 -2.95
C GLN D 242 -9.43 -21.06 -3.21
N THR D 243 -8.39 -20.26 -3.03
CA THR D 243 -8.50 -18.85 -3.35
C THR D 243 -8.70 -18.65 -4.85
N VAL D 244 -8.00 -19.43 -5.68
CA VAL D 244 -8.19 -19.34 -7.12
C VAL D 244 -9.61 -19.74 -7.52
N LEU D 245 -10.17 -20.78 -6.88
CA LEU D 245 -11.52 -21.18 -7.25
C LEU D 245 -12.55 -20.12 -6.88
N PHE D 246 -12.39 -19.51 -5.70
CA PHE D 246 -13.25 -18.42 -5.25
C PHE D 246 -13.27 -17.28 -6.26
N LEU D 247 -12.08 -16.83 -6.69
CA LEU D 247 -12.00 -15.75 -7.65
C LEU D 247 -12.60 -16.15 -9.00
N SER D 248 -12.37 -17.39 -9.41
CA SER D 248 -12.80 -17.84 -10.73
C SER D 248 -14.31 -17.91 -10.84
N ALA D 249 -15.00 -18.18 -9.73
CA ALA D 249 -16.45 -18.29 -9.73
C ALA D 249 -17.16 -17.04 -9.21
N PHE D 250 -16.44 -15.95 -8.91
CA PHE D 250 -17.11 -14.83 -8.27
C PHE D 250 -18.16 -14.26 -9.23
N PRO D 251 -19.37 -13.95 -8.75
CA PRO D 251 -20.46 -13.63 -9.68
C PRO D 251 -20.33 -12.28 -10.36
N SER D 252 -19.44 -11.40 -9.90
CA SER D 252 -19.33 -10.07 -10.44
C SER D 252 -17.85 -9.74 -10.59
N ALA D 253 -17.58 -8.57 -11.18
CA ALA D 253 -16.24 -8.03 -11.30
C ALA D 253 -15.79 -7.27 -10.05
N ALA D 254 -16.47 -7.46 -8.90
CA ALA D 254 -16.18 -6.63 -7.73
C ALA D 254 -14.74 -6.74 -7.27
N LEU D 255 -14.06 -7.86 -7.51
CA LEU D 255 -12.72 -8.07 -6.98
C LEU D 255 -11.63 -7.83 -8.02
N THR D 256 -11.96 -7.22 -9.16
CA THR D 256 -10.99 -7.11 -10.24
C THR D 256 -9.86 -6.15 -9.86
N GLY D 257 -8.64 -6.48 -10.31
CA GLY D 257 -7.50 -5.63 -10.05
C GLY D 257 -6.82 -5.83 -8.71
N GLN D 258 -7.37 -6.69 -7.85
CA GLN D 258 -6.86 -6.86 -6.49
C GLN D 258 -5.87 -8.02 -6.40
N SER D 259 -4.95 -7.90 -5.45
CA SER D 259 -4.08 -9.02 -5.11
C SER D 259 -4.50 -9.58 -3.75
N PHE D 260 -4.30 -10.88 -3.58
CA PHE D 260 -4.76 -11.61 -2.42
C PHE D 260 -3.54 -12.29 -1.79
N ILE D 261 -3.24 -11.93 -0.56
CA ILE D 261 -2.05 -12.43 0.13
CA ILE D 261 -2.06 -12.46 0.11
C ILE D 261 -2.47 -13.67 0.93
N VAL D 262 -1.95 -14.82 0.55
CA VAL D 262 -2.32 -16.10 1.15
C VAL D 262 -1.09 -16.61 1.87
N SER D 263 -0.74 -15.99 3.02
CA SER D 263 0.61 -16.13 3.52
C SER D 263 0.67 -16.33 5.04
N HIS D 264 -0.46 -16.51 5.71
CA HIS D 264 -0.47 -16.62 7.16
C HIS D 264 0.16 -15.39 7.81
N GLY D 265 -0.14 -14.21 7.27
CA GLY D 265 0.20 -12.97 7.96
C GLY D 265 1.55 -12.40 7.63
N TRP D 266 2.26 -12.98 6.65
CA TRP D 266 3.52 -12.43 6.14
C TRP D 266 3.17 -11.37 5.08
N PHE D 267 3.37 -10.10 5.46
CA PHE D 267 2.93 -8.88 4.76
C PHE D 267 1.41 -8.75 4.84
N MET D 268 0.93 -7.69 5.49
CA MET D 268 -0.50 -7.46 5.62
C MET D 268 -0.88 -6.21 4.85
N GLN D 269 -1.85 -6.31 3.95
CA GLN D 269 -2.43 -5.11 3.34
C GLN D 269 -3.93 -5.20 3.54
#